data_4C1M
#
_entry.id   4C1M
#
_cell.length_a   111.279
_cell.length_b   63.440
_cell.length_c   92.381
_cell.angle_alpha   90.00
_cell.angle_beta   97.36
_cell.angle_gamma   90.00
#
_symmetry.space_group_name_H-M   'P 1 21 1'
#
loop_
_entity.id
_entity.type
_entity.pdbx_description
1 polymer 'MYELOPEROXIDASE LIGHT CHAIN'
2 polymer 'MYELOPEROXIDASE HEAVY CHAIN'
3 branched alpha-D-mannopyranose-(1-4)-[alpha-D-mannopyranose-(1-6)]beta-D-mannopyranose-(1-4)-2-acetamido-2-deoxy-beta-D-glucopyranose-(1-4)-[alpha-L-fucopyranose-(1-6)]2-acetamido-2-deoxy-beta-D-glucopyranose
4 non-polymer 'PROTOPORPHYRIN IX CONTAINING FE'
5 non-polymer 2-{[3,5-BIS(TRIFLUOROMETHYL)BENZYL]AMINO}-N-HYDROXY-6-OXO-1,6-DIHYDROPYRIMIDINE-5-CARBOXAMIDE
6 non-polymer 'SULFATE ION'
7 non-polymer GLYCEROL
8 non-polymer 'CALCIUM ION'
9 non-polymer 'CHLORIDE ION'
10 non-polymer 'ACETATE ION'
11 non-polymer 2-acetamido-2-deoxy-beta-D-glucopyranose
12 water water
#
loop_
_entity_poly.entity_id
_entity_poly.type
_entity_poly.pdbx_seq_one_letter_code
_entity_poly.pdbx_strand_id
1 'polypeptide(L)'
;VTCPEQDKYRTITGMCNNRRSPTLGASNRAFVRWLPAEYEDGFSLPYGWTPGVKRNGFPVALARAVSNEIVRFPTDQLTP
DQERSLMFMQWGQLLDHDLDFTPEPAAR
;
A,B
2 'polypeptide(L)'
;VNCETSCVQQPPCFPLKIPPNDPRIKNQADCIPFFRS(CSO)PACPGSNITIRNQINALTSFVDASMVYGSEEPLARNLR
NMSNQLGLLAVNQRFQDNGRALLPFDNLHDDPCLLTNRSARIPCFLAGDTRSSEMPELTSMHTLLLREHNRLATELKSLN
PRWDGERLYQEARKIVGAMVQIITYRDYLPLVLGPTAMRKYLPTYRSYNDSVDPRIANVFTNAFRYGHTLIQPFMFRLDN
RYQPMEPNPRVPLSRVFFASWRVVLEGGIDPILRGLMATPAKLNRQNQIAVDEIRERLFEQVMRIGLDLPALNMQRSRDH
GLPGYNAWRRFCGLPQPETVGQLGTVLRNLKLARKLMEQYGTPNNIDIWMGGVSEPLKRKGRVGPLLACIIGTQFRKLRD
GDRFWWENEGVFSMQQRQALAQISLPRIICDNTGITTVSKNNIFMSNSYPRDFVNCSTLPALNLASWREAS
;
C,D
#
loop_
_chem_comp.id
_chem_comp.type
_chem_comp.name
_chem_comp.formula
ACT non-polymer 'ACETATE ION' 'C2 H3 O2 -1'
BMA D-saccharide, beta linking beta-D-mannopyranose 'C6 H12 O6'
CA non-polymer 'CALCIUM ION' 'Ca 2'
CL non-polymer 'CHLORIDE ION' 'Cl -1'
FUC L-saccharide, alpha linking alpha-L-fucopyranose 'C6 H12 O5'
GOL non-polymer GLYCEROL 'C3 H8 O3'
HEM non-polymer 'PROTOPORPHYRIN IX CONTAINING FE' 'C34 H32 Fe N4 O4'
MAN D-saccharide, alpha linking alpha-D-mannopyranose 'C6 H12 O6'
NAG D-saccharide, beta linking 2-acetamido-2-deoxy-beta-D-glucopyranose 'C8 H15 N O6'
NIH non-polymer 2-{[3,5-BIS(TRIFLUOROMETHYL)BENZYL]AMINO}-N-HYDROXY-6-OXO-1,6-DIHYDROPYRIMIDINE-5-CARBOXAMIDE 'C14 H10 F6 N4 O3'
SO4 non-polymer 'SULFATE ION' 'O4 S -2'
#
# COMPACT_ATOMS: atom_id res chain seq x y z
N GLN A 6 -14.55 -17.71 -17.25
CA GLN A 6 -15.87 -18.01 -16.62
C GLN A 6 -15.74 -19.12 -15.56
N ASP A 7 -16.47 -19.01 -14.44
CA ASP A 7 -16.38 -20.00 -13.36
C ASP A 7 -17.64 -20.09 -12.48
N LYS A 8 -17.88 -21.30 -11.98
CA LYS A 8 -18.98 -21.55 -11.08
C LYS A 8 -18.51 -21.48 -9.62
N TYR A 9 -17.29 -21.93 -9.36
CA TYR A 9 -16.80 -22.10 -7.99
C TYR A 9 -15.51 -21.32 -7.71
N ARG A 10 -15.36 -20.93 -6.45
CA ARG A 10 -14.13 -20.31 -6.00
C ARG A 10 -12.95 -21.27 -6.21
N THR A 11 -11.76 -20.73 -6.44
CA THR A 11 -10.53 -21.51 -6.34
C THR A 11 -10.23 -21.74 -4.85
N ILE A 12 -9.30 -22.64 -4.56
CA ILE A 12 -8.95 -22.95 -3.16
C ILE A 12 -8.09 -21.80 -2.59
N THR A 13 -7.17 -21.26 -3.40
CA THR A 13 -6.24 -20.22 -2.98
C THR A 13 -6.90 -18.84 -2.93
N GLY A 14 -8.07 -18.69 -3.57
CA GLY A 14 -8.72 -17.40 -3.70
C GLY A 14 -8.25 -16.60 -4.93
N MET A 15 -7.26 -17.12 -5.65
CA MET A 15 -6.83 -16.56 -6.91
C MET A 15 -8.04 -16.39 -7.85
N CYS A 16 -8.03 -15.31 -8.62
CA CYS A 16 -9.03 -15.04 -9.68
C CYS A 16 -10.45 -14.74 -9.18
N ASN A 17 -10.63 -14.54 -7.88
CA ASN A 17 -11.87 -13.98 -7.35
C ASN A 17 -12.04 -12.58 -7.97
N ASN A 18 -11.01 -11.74 -7.86
CA ASN A 18 -10.95 -10.43 -8.52
C ASN A 18 -10.25 -10.64 -9.83
N ARG A 19 -10.95 -10.42 -10.94
CA ARG A 19 -10.43 -10.70 -12.26
C ARG A 19 -9.32 -9.73 -12.68
N ARG A 20 -9.48 -8.45 -12.35
CA ARG A 20 -8.48 -7.43 -12.67
C ARG A 20 -7.17 -7.56 -11.91
N SER A 21 -7.22 -7.96 -10.64
CA SER A 21 -6.00 -8.15 -9.87
C SER A 21 -6.20 -9.48 -9.14
N PRO A 22 -5.86 -10.58 -9.81
CA PRO A 22 -6.33 -11.88 -9.30
C PRO A 22 -5.65 -12.46 -8.04
N THR A 23 -4.68 -11.80 -7.45
CA THR A 23 -4.12 -12.33 -6.19
C THR A 23 -4.82 -11.67 -4.98
N LEU A 24 -5.72 -10.71 -5.23
CA LEU A 24 -6.32 -9.93 -4.13
C LEU A 24 -7.23 -10.87 -3.34
N GLY A 25 -6.86 -11.10 -2.10
CA GLY A 25 -7.56 -11.95 -1.18
C GLY A 25 -7.07 -13.40 -1.26
N ALA A 26 -6.09 -13.65 -2.13
CA ALA A 26 -5.50 -14.97 -2.30
C ALA A 26 -4.49 -15.23 -1.19
N SER A 27 -4.27 -16.52 -0.94
CA SER A 27 -3.39 -16.97 0.12
C SER A 27 -1.91 -16.74 -0.24
N ASN A 28 -1.06 -16.67 0.79
CA ASN A 28 0.37 -16.49 0.68
C ASN A 28 0.76 -15.21 -0.05
N ARG A 29 0.05 -14.13 0.33
CA ARG A 29 0.31 -12.80 -0.15
C ARG A 29 0.39 -11.86 1.04
N ALA A 30 1.10 -10.75 0.85
CA ALA A 30 1.32 -9.77 1.88
C ALA A 30 -0.01 -9.07 2.30
N PHE A 31 -0.14 -8.74 3.58
CA PHE A 31 -1.29 -7.99 4.01
C PHE A 31 -1.33 -6.63 3.32
N VAL A 32 -2.51 -6.05 3.16
CA VAL A 32 -2.60 -4.62 2.72
C VAL A 32 -2.32 -3.75 3.94
N ARG A 33 -1.63 -2.64 3.75
CA ARG A 33 -1.36 -1.64 4.79
C ARG A 33 -2.36 -0.48 4.62
N TRP A 34 -3.18 -0.20 5.66
CA TRP A 34 -4.06 0.98 5.68
C TRP A 34 -3.39 2.24 6.20
N LEU A 35 -2.26 2.10 6.89
CA LEU A 35 -1.35 3.18 7.30
C LEU A 35 0.10 2.72 7.09
N PRO A 36 0.99 3.65 6.71
CA PRO A 36 2.38 3.22 6.57
C PRO A 36 3.00 2.66 7.87
N ALA A 37 3.91 1.70 7.75
CA ALA A 37 4.53 1.05 8.88
C ALA A 37 5.44 1.94 9.70
N GLU A 38 5.50 1.62 10.99
CA GLU A 38 6.29 2.43 11.96
C GLU A 38 7.28 1.52 12.64
N TYR A 39 8.48 1.52 12.13
CA TYR A 39 9.58 0.75 12.68
C TYR A 39 10.67 1.66 13.22
N GLU A 40 11.39 1.17 14.23
CA GLU A 40 12.51 1.85 14.89
C GLU A 40 13.56 2.48 13.96
N ASP A 41 13.87 1.76 12.86
CA ASP A 41 14.85 2.15 11.88
C ASP A 41 14.15 2.56 10.61
N GLY A 42 12.84 2.70 10.72
CA GLY A 42 12.01 3.07 9.59
C GLY A 42 11.54 1.97 8.63
N PHE A 43 12.21 0.84 8.63
CA PHE A 43 11.89 -0.20 7.63
C PHE A 43 11.84 -1.63 8.09
N SER A 44 12.48 -1.97 9.23
CA SER A 44 12.50 -3.37 9.68
C SER A 44 12.48 -3.60 11.18
N LEU A 45 13.37 -2.97 11.95
CA LEU A 45 13.46 -3.18 13.40
C LEU A 45 12.21 -2.69 14.16
N PRO A 46 11.69 -3.57 15.01
CA PRO A 46 10.51 -3.16 15.75
C PRO A 46 10.84 -2.24 16.92
N TYR A 47 9.89 -1.40 17.31
CA TYR A 47 10.06 -0.63 18.52
C TYR A 47 10.19 -1.58 19.74
N GLY A 48 11.19 -1.28 20.58
CA GLY A 48 11.58 -2.11 21.72
C GLY A 48 12.82 -2.94 21.45
N TRP A 49 13.28 -2.98 20.20
CA TRP A 49 14.48 -3.73 19.81
C TRP A 49 15.78 -3.24 20.45
N THR A 50 16.15 -1.99 20.15
CA THR A 50 17.44 -1.41 20.55
C THR A 50 17.33 -0.69 21.92
N PRO A 51 18.15 -1.09 22.91
CA PRO A 51 18.08 -0.42 24.23
C PRO A 51 18.39 1.08 24.11
N GLY A 52 17.61 1.91 24.80
CA GLY A 52 17.74 3.37 24.75
C GLY A 52 16.94 4.03 23.63
N VAL A 53 16.59 3.31 22.57
CA VAL A 53 15.88 3.96 21.48
C VAL A 53 14.39 4.16 21.83
N LYS A 54 14.03 5.42 22.02
CA LYS A 54 12.70 5.84 22.41
C LYS A 54 11.75 5.84 21.22
N ARG A 55 10.44 5.81 21.49
CA ARG A 55 9.40 5.96 20.43
C ARG A 55 8.79 7.35 20.53
N ASN A 56 9.06 8.17 19.53
CA ASN A 56 8.47 9.51 19.44
C ASN A 56 8.63 10.30 20.80
N GLY A 57 9.81 10.23 21.39
CA GLY A 57 10.11 10.98 22.61
C GLY A 57 9.86 10.27 23.93
N PHE A 58 9.37 9.03 23.88
CA PHE A 58 9.04 8.32 25.11
C PHE A 58 9.52 6.89 25.10
N PRO A 59 9.91 6.33 26.27
CA PRO A 59 10.43 5.00 26.25
C PRO A 59 9.39 3.98 25.82
N VAL A 60 9.79 2.97 25.06
CA VAL A 60 8.85 1.89 24.67
C VAL A 60 8.44 1.12 25.92
N ALA A 61 7.15 1.01 26.16
CA ALA A 61 6.68 0.32 27.34
C ALA A 61 6.80 -1.16 27.02
N LEU A 62 7.38 -1.90 27.98
CA LEU A 62 7.44 -3.39 27.88
C LEU A 62 6.04 -3.90 27.80
N ALA A 63 5.76 -4.71 26.77
CA ALA A 63 4.42 -5.31 26.58
C ALA A 63 3.92 -5.99 27.85
N ARG A 64 4.84 -6.62 28.58
CA ARG A 64 4.54 -7.40 29.76
C ARG A 64 4.20 -6.46 30.90
N ALA A 65 4.92 -5.35 31.02
CA ALA A 65 4.63 -4.31 32.00
C ALA A 65 3.25 -3.75 31.83
N VAL A 66 2.84 -3.57 30.58
CA VAL A 66 1.51 -3.04 30.28
C VAL A 66 0.43 -4.08 30.69
N SER A 67 0.67 -5.34 30.33
CA SER A 67 -0.18 -6.41 30.70
C SER A 67 -0.30 -6.49 32.24
N ASN A 68 0.81 -6.52 32.98
CA ASN A 68 0.77 -6.59 34.48
C ASN A 68 0.00 -5.39 35.10
N GLU A 69 0.25 -4.22 34.56
CA GLU A 69 -0.26 -2.98 35.17
C GLU A 69 -1.68 -2.59 34.73
N ILE A 70 -2.10 -3.00 33.53
CA ILE A 70 -3.39 -2.62 32.98
C ILE A 70 -4.32 -3.84 32.82
N VAL A 71 -3.78 -4.95 32.32
CA VAL A 71 -4.62 -6.11 31.94
C VAL A 71 -4.89 -7.05 33.13
N ARG A 72 -3.87 -7.35 33.94
CA ARG A 72 -4.01 -8.13 35.14
C ARG A 72 -5.24 -7.67 36.01
N PHE A 73 -6.08 -8.64 36.41
CA PHE A 73 -7.20 -8.42 37.35
C PHE A 73 -7.49 -9.69 38.15
N PRO A 74 -8.13 -9.56 39.35
CA PRO A 74 -8.49 -10.78 40.16
C PRO A 74 -9.57 -11.65 39.52
N THR A 75 -9.24 -12.91 39.28
CA THR A 75 -10.08 -13.82 38.57
C THR A 75 -11.49 -14.01 39.23
N ASP A 76 -11.61 -13.93 40.56
CA ASP A 76 -12.95 -13.99 41.17
C ASP A 76 -13.83 -12.78 40.92
N GLN A 77 -13.26 -11.74 40.30
CA GLN A 77 -14.02 -10.52 40.02
C GLN A 77 -14.71 -10.60 38.63
N LEU A 78 -14.48 -11.68 37.89
CA LEU A 78 -14.92 -11.79 36.49
C LEU A 78 -16.40 -11.56 36.33
N THR A 79 -16.77 -10.79 35.31
CA THR A 79 -18.17 -10.48 35.08
C THR A 79 -18.68 -11.27 33.90
N PRO A 80 -19.67 -12.16 34.13
CA PRO A 80 -20.26 -12.89 33.04
C PRO A 80 -21.08 -11.92 32.18
N ASP A 81 -21.12 -12.17 30.86
CA ASP A 81 -21.86 -11.33 29.96
C ASP A 81 -23.23 -11.91 29.93
N GLN A 82 -24.20 -11.17 30.49
CA GLN A 82 -25.60 -11.60 30.50
C GLN A 82 -26.27 -11.68 29.11
N GLU A 83 -25.69 -10.99 28.12
CA GLU A 83 -26.23 -10.89 26.77
C GLU A 83 -25.35 -11.61 25.68
N ARG A 84 -24.31 -12.34 26.08
CA ARG A 84 -23.52 -13.09 25.11
C ARG A 84 -23.22 -14.46 25.61
N SER A 85 -23.34 -15.46 24.72
CA SER A 85 -22.91 -16.83 25.07
C SER A 85 -21.45 -16.98 24.77
N LEU A 86 -20.84 -18.01 25.32
CA LEU A 86 -19.47 -18.35 25.03
C LEU A 86 -19.32 -18.77 23.55
N MET A 87 -20.43 -19.19 22.94
CA MET A 87 -20.45 -19.43 21.47
C MET A 87 -20.06 -18.16 20.67
N PHE A 88 -20.35 -17.01 21.24
CA PHE A 88 -20.03 -15.70 20.61
C PHE A 88 -18.50 -15.51 20.57
N MET A 89 -17.84 -15.85 21.67
CA MET A 89 -16.33 -15.94 21.67
C MET A 89 -15.84 -16.98 20.66
N GLN A 90 -16.46 -18.14 20.61
CA GLN A 90 -15.91 -19.21 19.77
C GLN A 90 -15.99 -18.91 18.28
N TRP A 91 -17.15 -18.41 17.84
CA TRP A 91 -17.39 -18.09 16.44
C TRP A 91 -16.40 -17.09 15.99
N GLY A 92 -16.07 -16.11 16.86
CA GLY A 92 -15.02 -15.10 16.58
C GLY A 92 -13.67 -15.69 16.20
N GLN A 93 -13.10 -16.54 17.07
CA GLN A 93 -11.81 -17.21 16.75
C GLN A 93 -11.90 -18.12 15.48
N LEU A 94 -12.96 -18.88 15.34
CA LEU A 94 -13.21 -19.75 14.12
C LEU A 94 -13.25 -18.90 12.82
N LEU A 95 -13.95 -17.77 12.88
CA LEU A 95 -14.02 -16.83 11.77
C LEU A 95 -12.66 -16.16 11.51
N ASP A 96 -11.91 -15.81 12.58
CA ASP A 96 -10.57 -15.29 12.44
C ASP A 96 -9.69 -16.27 11.63
N HIS A 97 -9.89 -17.57 11.89
CA HIS A 97 -9.18 -18.65 11.23
C HIS A 97 -9.64 -18.97 9.80
N ASP A 98 -10.77 -18.37 9.37
CA ASP A 98 -11.17 -18.26 7.95
C ASP A 98 -10.46 -17.08 7.25
N LEU A 99 -9.98 -16.09 8.01
CA LEU A 99 -9.50 -14.82 7.38
C LEU A 99 -7.97 -14.62 7.37
N ASP A 100 -7.32 -14.91 8.52
CA ASP A 100 -5.87 -14.59 8.63
C ASP A 100 -5.01 -15.55 9.54
N PHE A 101 -3.85 -15.91 8.99
CA PHE A 101 -2.80 -16.61 9.69
C PHE A 101 -1.49 -16.02 9.24
N THR A 102 -0.76 -15.46 10.18
CA THR A 102 0.48 -14.78 9.89
C THR A 102 1.62 -15.76 10.28
N PRO A 103 2.29 -16.42 9.29
CA PRO A 103 3.35 -17.35 9.61
C PRO A 103 4.58 -16.77 10.29
N GLU A 104 5.19 -17.63 11.09
CA GLU A 104 6.45 -17.40 11.77
C GLU A 104 7.32 -18.55 11.36
N PRO A 105 8.65 -18.43 11.46
CA PRO A 105 9.44 -19.62 11.16
C PRO A 105 9.38 -20.61 12.33
N ALA A 106 9.23 -21.89 12.01
CA ALA A 106 9.16 -23.02 12.96
C ALA A 106 10.29 -23.03 13.99
N ALA A 107 11.43 -22.80 13.63
N CYS B 3 15.74 9.10 14.34
CA CYS B 3 15.93 10.50 13.85
C CYS B 3 16.49 11.33 15.00
N PRO B 4 17.29 12.36 14.68
CA PRO B 4 17.63 13.32 15.76
C PRO B 4 16.38 14.06 16.27
N GLU B 5 16.46 14.64 17.46
CA GLU B 5 15.32 15.39 18.05
C GLU B 5 15.06 16.71 17.32
N GLN B 6 16.15 17.34 16.89
CA GLN B 6 16.13 18.64 16.22
C GLN B 6 17.03 18.53 14.97
N ASP B 7 16.60 19.16 13.90
CA ASP B 7 17.43 19.29 12.70
C ASP B 7 16.94 20.46 11.87
N LYS B 8 17.87 21.31 11.49
CA LYS B 8 17.54 22.53 10.77
C LYS B 8 17.42 22.21 9.29
N TYR B 9 18.17 21.20 8.82
CA TYR B 9 18.20 20.89 7.40
C TYR B 9 17.73 19.48 7.04
N ARG B 10 17.26 19.31 5.80
CA ARG B 10 16.97 17.98 5.34
C ARG B 10 18.23 17.11 5.29
N THR B 11 18.04 15.83 5.54
CA THR B 11 19.01 14.82 5.17
C THR B 11 19.04 14.72 3.63
N ILE B 12 20.11 14.16 3.07
CA ILE B 12 20.18 14.02 1.63
C ILE B 12 19.22 12.94 1.07
N THR B 13 19.09 11.81 1.80
CA THR B 13 18.19 10.71 1.38
C THR B 13 16.69 11.02 1.53
N GLY B 14 16.35 12.03 2.30
CA GLY B 14 14.99 12.29 2.67
C GLY B 14 14.53 11.56 3.91
N MET B 15 15.40 10.70 4.45
CA MET B 15 15.16 9.98 5.68
C MET B 15 14.91 10.99 6.83
N CYS B 16 14.01 10.64 7.75
CA CYS B 16 13.73 11.46 8.95
C CYS B 16 12.84 12.70 8.72
N ASN B 17 12.40 12.95 7.49
CA ASN B 17 11.42 14.00 7.24
C ASN B 17 10.15 13.62 7.97
N ASN B 18 9.65 12.39 7.78
CA ASN B 18 8.55 11.91 8.59
C ASN B 18 9.13 11.21 9.81
N ARG B 19 8.85 11.70 11.01
CA ARG B 19 9.46 11.05 12.18
C ARG B 19 8.74 9.80 12.70
N ARG B 20 7.49 9.61 12.33
CA ARG B 20 6.80 8.36 12.66
C ARG B 20 7.11 7.17 11.69
N SER B 21 7.28 7.48 10.40
CA SER B 21 7.63 6.48 9.42
C SER B 21 8.80 7.08 8.60
N PRO B 22 10.04 6.94 9.09
CA PRO B 22 11.15 7.77 8.56
C PRO B 22 11.69 7.48 7.16
N THR B 23 11.22 6.44 6.47
CA THR B 23 11.60 6.26 5.06
C THR B 23 10.59 6.89 4.10
N LEU B 24 9.50 7.47 4.61
CA LEU B 24 8.47 7.99 3.66
C LEU B 24 9.06 9.22 2.98
N GLY B 25 9.27 9.06 1.69
CA GLY B 25 9.73 10.14 0.83
C GLY B 25 11.22 10.06 0.66
N ALA B 26 11.83 9.09 1.32
CA ALA B 26 13.26 8.82 1.18
C ALA B 26 13.57 8.10 -0.10
N SER B 27 14.82 8.25 -0.54
CA SER B 27 15.30 7.68 -1.76
C SER B 27 15.51 6.14 -1.71
N ASN B 28 15.43 5.53 -2.88
CA ASN B 28 15.65 4.06 -3.01
C ASN B 28 14.61 3.21 -2.17
N ARG B 29 13.36 3.58 -2.30
CA ARG B 29 12.19 2.91 -1.66
C ARG B 29 11.13 2.67 -2.71
N ALA B 30 10.26 1.68 -2.47
CA ALA B 30 9.17 1.37 -3.37
C ALA B 30 8.21 2.57 -3.52
N PHE B 31 7.60 2.69 -4.69
CA PHE B 31 6.54 3.66 -4.89
C PHE B 31 5.37 3.23 -4.02
N VAL B 32 4.56 4.20 -3.60
CA VAL B 32 3.27 3.83 -2.97
C VAL B 32 2.33 3.52 -4.13
N ARG B 33 1.43 2.57 -3.94
CA ARG B 33 0.37 2.27 -4.87
C ARG B 33 -0.95 2.83 -4.43
N TRP B 34 -1.59 3.65 -5.26
CA TRP B 34 -2.91 4.18 -4.93
C TRP B 34 -4.05 3.25 -5.35
N LEU B 35 -3.75 2.34 -6.28
CA LEU B 35 -4.65 1.26 -6.71
C LEU B 35 -3.82 -0.04 -6.76
N PRO B 36 -4.43 -1.21 -6.44
CA PRO B 36 -3.68 -2.43 -6.64
C PRO B 36 -3.17 -2.65 -8.10
N ALA B 37 -2.00 -3.21 -8.19
CA ALA B 37 -1.38 -3.54 -9.48
C ALA B 37 -2.24 -4.52 -10.29
N GLU B 38 -2.13 -4.40 -11.61
CA GLU B 38 -2.78 -5.24 -12.58
C GLU B 38 -1.75 -5.79 -13.56
N TYR B 39 -1.35 -7.04 -13.28
CA TYR B 39 -0.43 -7.78 -14.06
C TYR B 39 -1.17 -8.96 -14.68
N GLU B 40 -0.69 -9.39 -15.84
CA GLU B 40 -1.29 -10.51 -16.58
C GLU B 40 -1.45 -11.83 -15.77
N ASP B 41 -0.48 -12.13 -14.92
CA ASP B 41 -0.52 -13.30 -14.04
C ASP B 41 -0.90 -12.89 -12.61
N GLY B 42 -1.24 -11.62 -12.43
CA GLY B 42 -1.65 -11.14 -11.10
C GLY B 42 -0.55 -10.59 -10.21
N PHE B 43 0.71 -10.95 -10.45
CA PHE B 43 1.82 -10.51 -9.58
C PHE B 43 3.11 -9.98 -10.22
N SER B 44 3.41 -10.33 -11.47
CA SER B 44 4.67 -9.85 -12.05
C SER B 44 4.69 -9.61 -13.57
N LEU B 45 4.00 -10.43 -14.36
CA LEU B 45 4.14 -10.30 -15.83
C LEU B 45 3.21 -9.22 -16.36
N PRO B 46 3.71 -8.33 -17.22
CA PRO B 46 2.92 -7.22 -17.71
C PRO B 46 1.90 -7.66 -18.77
N TYR B 47 0.83 -6.90 -18.92
CA TYR B 47 -0.08 -7.14 -20.00
C TYR B 47 0.69 -7.00 -21.33
N GLY B 48 0.34 -7.88 -22.29
CA GLY B 48 1.08 -7.94 -23.55
C GLY B 48 2.26 -8.89 -23.52
N TRP B 49 2.62 -9.43 -22.35
CA TRP B 49 3.76 -10.33 -22.27
C TRP B 49 3.51 -11.63 -23.01
N THR B 50 2.38 -12.28 -22.78
CA THR B 50 2.14 -13.63 -23.35
C THR B 50 1.18 -13.54 -24.55
N PRO B 51 1.57 -14.06 -25.74
CA PRO B 51 0.66 -14.03 -26.92
C PRO B 51 -0.68 -14.70 -26.66
N GLY B 52 -1.75 -14.06 -27.12
CA GLY B 52 -3.09 -14.54 -26.90
C GLY B 52 -3.70 -14.33 -25.53
N VAL B 53 -2.96 -13.88 -24.54
CA VAL B 53 -3.59 -13.60 -23.24
C VAL B 53 -4.19 -12.21 -23.29
N LYS B 54 -5.51 -12.16 -23.17
CA LYS B 54 -6.31 -10.96 -23.24
C LYS B 54 -6.31 -10.22 -21.89
N ARG B 55 -6.64 -8.92 -21.92
CA ARG B 55 -6.85 -8.07 -20.75
C ARG B 55 -8.34 -7.67 -20.64
N ASN B 56 -8.99 -8.05 -19.54
CA ASN B 56 -10.43 -7.78 -19.33
C ASN B 56 -11.22 -8.22 -20.58
N GLY B 57 -10.84 -9.37 -21.13
CA GLY B 57 -11.55 -10.00 -22.29
C GLY B 57 -11.37 -9.32 -23.64
N PHE B 58 -10.28 -8.56 -23.83
CA PHE B 58 -9.97 -7.95 -25.13
C PHE B 58 -8.49 -8.09 -25.42
N PRO B 59 -8.10 -8.11 -26.71
CA PRO B 59 -6.67 -8.21 -27.02
C PRO B 59 -5.88 -7.00 -26.52
N VAL B 60 -4.66 -7.20 -26.10
CA VAL B 60 -3.82 -6.08 -25.66
C VAL B 60 -3.31 -5.44 -26.96
N ALA B 61 -3.41 -4.12 -27.03
CA ALA B 61 -2.99 -3.39 -28.21
C ALA B 61 -1.52 -3.06 -28.07
N LEU B 62 -0.75 -3.32 -29.15
CA LEU B 62 0.64 -2.95 -29.20
C LEU B 62 0.73 -1.44 -28.91
N ALA B 63 1.63 -1.07 -28.00
CA ALA B 63 1.90 0.28 -27.67
C ALA B 63 2.30 1.08 -28.92
N ARG B 64 3.16 0.48 -29.77
CA ARG B 64 3.60 1.14 -31.00
C ARG B 64 2.41 1.39 -31.96
N ALA B 65 1.48 0.42 -32.04
CA ALA B 65 0.24 0.61 -32.86
C ALA B 65 -0.72 1.71 -32.35
N VAL B 66 -0.96 1.80 -31.04
CA VAL B 66 -1.71 2.90 -30.48
C VAL B 66 -1.02 4.26 -30.80
N SER B 67 0.31 4.26 -30.67
CA SER B 67 1.08 5.46 -30.99
C SER B 67 0.91 5.81 -32.48
N ASN B 68 0.99 4.81 -33.35
CA ASN B 68 0.81 5.02 -34.80
C ASN B 68 -0.56 5.54 -35.17
N GLU B 69 -1.57 5.09 -34.43
CA GLU B 69 -2.94 5.38 -34.78
C GLU B 69 -3.58 6.58 -34.15
N ILE B 70 -3.13 6.95 -32.96
CA ILE B 70 -3.73 8.02 -32.20
C ILE B 70 -2.80 9.20 -31.94
N VAL B 71 -1.52 8.92 -31.73
CA VAL B 71 -0.55 9.91 -31.32
C VAL B 71 0.09 10.62 -32.53
N ARG B 72 0.38 9.84 -33.58
CA ARG B 72 1.07 10.35 -34.79
C ARG B 72 0.24 11.46 -35.44
N PHE B 73 0.90 12.57 -35.80
CA PHE B 73 0.21 13.64 -36.58
C PHE B 73 1.24 14.36 -37.46
N PRO B 74 0.82 15.02 -38.56
CA PRO B 74 1.86 15.72 -39.35
C PRO B 74 2.33 16.97 -38.60
N THR B 75 3.64 17.14 -38.47
CA THR B 75 4.20 18.26 -37.69
C THR B 75 3.80 19.64 -38.25
N ASP B 76 3.46 19.69 -39.52
CA ASP B 76 3.03 20.94 -40.14
C ASP B 76 1.70 21.47 -39.56
N GLN B 77 0.92 20.60 -38.89
CA GLN B 77 -0.27 21.04 -38.18
C GLN B 77 0.00 21.58 -36.75
N LEU B 78 1.25 21.58 -36.28
CA LEU B 78 1.54 21.89 -34.85
C LEU B 78 0.96 23.24 -34.39
N THR B 79 0.30 23.25 -33.25
CA THR B 79 -0.28 24.43 -32.71
C THR B 79 0.69 24.96 -31.67
N PRO B 80 1.23 26.18 -31.87
CA PRO B 80 1.96 26.79 -30.74
C PRO B 80 0.98 27.21 -29.67
N ASP B 81 1.32 26.99 -28.41
CA ASP B 81 0.54 27.50 -27.30
C ASP B 81 0.79 28.99 -27.05
N GLN B 82 -0.19 29.82 -27.40
CA GLN B 82 -0.15 31.29 -27.20
C GLN B 82 0.01 31.75 -25.74
N GLU B 83 -0.43 30.91 -24.82
CA GLU B 83 -0.43 31.24 -23.41
C GLU B 83 0.59 30.45 -22.59
N ARG B 84 1.54 29.76 -23.22
CA ARG B 84 2.57 29.05 -22.46
C ARG B 84 3.89 29.13 -23.18
N SER B 85 4.96 29.31 -22.42
CA SER B 85 6.32 29.29 -22.95
C SER B 85 6.85 27.89 -22.85
N LEU B 86 7.90 27.64 -23.60
CA LEU B 86 8.59 26.36 -23.61
C LEU B 86 9.23 26.10 -22.25
N MET B 87 9.52 27.17 -21.52
CA MET B 87 9.98 27.15 -20.16
C MET B 87 9.02 26.43 -19.22
N PHE B 88 7.73 26.43 -19.56
CA PHE B 88 6.67 25.68 -18.91
C PHE B 88 6.79 24.17 -19.16
N MET B 89 7.23 23.82 -20.33
CA MET B 89 7.59 22.43 -20.58
C MET B 89 8.82 22.08 -19.73
N GLN B 90 9.85 22.93 -19.79
CA GLN B 90 11.18 22.59 -19.18
C GLN B 90 11.19 22.53 -17.64
N TRP B 91 10.38 23.37 -16.99
CA TRP B 91 10.26 23.38 -15.55
C TRP B 91 9.58 22.03 -15.08
N GLY B 92 8.62 21.56 -15.87
CA GLY B 92 7.96 20.29 -15.62
C GLY B 92 8.94 19.12 -15.60
N GLN B 93 9.79 19.06 -16.62
CA GLN B 93 10.84 18.04 -16.69
C GLN B 93 11.79 18.14 -15.51
N LEU B 94 12.29 19.35 -15.27
CA LEU B 94 13.21 19.64 -14.17
C LEU B 94 12.61 19.21 -12.84
N LEU B 95 11.34 19.60 -12.61
CA LEU B 95 10.62 19.21 -11.42
C LEU B 95 10.40 17.70 -11.33
N ASP B 96 10.07 17.03 -12.44
CA ASP B 96 9.95 15.62 -12.46
C ASP B 96 11.23 14.99 -11.92
N HIS B 97 12.37 15.57 -12.32
CA HIS B 97 13.69 15.13 -11.90
C HIS B 97 14.05 15.35 -10.44
N ASP B 98 13.21 16.12 -9.73
CA ASP B 98 13.36 16.35 -8.30
C ASP B 98 12.49 15.31 -7.58
N LEU B 99 11.54 14.75 -8.31
CA LEU B 99 10.50 13.87 -7.70
C LEU B 99 10.66 12.37 -7.90
N ASP B 100 11.05 11.93 -9.10
CA ASP B 100 11.16 10.49 -9.38
C ASP B 100 12.09 10.10 -10.50
N PHE B 101 12.78 8.97 -10.27
CA PHE B 101 13.61 8.26 -11.23
C PHE B 101 13.44 6.79 -10.92
N THR B 102 12.93 6.06 -11.90
CA THR B 102 12.65 4.65 -11.73
C THR B 102 13.80 3.84 -12.33
N PRO B 103 14.68 3.29 -11.46
CA PRO B 103 15.79 2.50 -12.00
C PRO B 103 15.42 1.27 -12.83
N GLU B 104 16.33 0.95 -13.72
CA GLU B 104 16.31 -0.20 -14.62
C GLU B 104 17.71 -0.78 -14.57
N PRO B 105 17.84 -2.09 -14.83
CA PRO B 105 19.20 -2.63 -14.83
C PRO B 105 20.03 -2.09 -16.01
N ALA B 106 21.34 -2.00 -15.85
CA ALA B 106 22.25 -1.48 -16.87
C ALA B 106 22.27 -2.38 -18.10
N ALA B 107 22.31 -3.61 -17.94
N VAL C 1 18.82 -21.00 16.25
CA VAL C 1 18.55 -20.02 17.36
C VAL C 1 17.59 -20.67 18.38
N ASN C 2 16.32 -20.72 17.99
CA ASN C 2 15.20 -21.19 18.76
C ASN C 2 14.77 -20.13 19.79
N CYS C 3 13.71 -19.45 19.40
CA CYS C 3 13.05 -18.45 20.24
C CYS C 3 12.30 -19.06 21.45
N GLU C 4 12.13 -20.37 21.42
CA GLU C 4 11.40 -21.14 22.41
C GLU C 4 12.26 -21.39 23.63
N THR C 5 13.57 -21.53 23.42
CA THR C 5 14.47 -22.06 24.45
C THR C 5 15.40 -21.03 25.04
N SER C 6 15.70 -19.95 24.32
CA SER C 6 16.57 -18.91 24.83
C SER C 6 15.98 -17.49 24.77
N CYS C 7 16.71 -16.56 25.36
CA CYS C 7 16.31 -15.20 25.49
C CYS C 7 17.17 -14.24 24.63
N VAL C 8 17.99 -14.80 23.75
CA VAL C 8 18.86 -14.02 22.86
C VAL C 8 18.01 -13.27 21.82
N GLN C 9 18.27 -11.97 21.67
CA GLN C 9 17.61 -11.12 20.67
C GLN C 9 18.40 -11.06 19.39
N GLN C 10 18.18 -12.08 18.57
CA GLN C 10 18.78 -12.19 17.26
C GLN C 10 17.74 -12.80 16.31
N PRO C 11 17.75 -12.37 15.03
CA PRO C 11 16.72 -12.88 14.11
C PRO C 11 16.69 -14.41 14.17
N PRO C 12 15.50 -15.01 14.12
CA PRO C 12 14.21 -14.38 13.91
C PRO C 12 13.41 -14.08 15.19
N CYS C 13 14.10 -13.96 16.33
CA CYS C 13 13.49 -13.85 17.66
C CYS C 13 13.33 -12.36 18.05
N PHE C 14 12.29 -12.06 18.83
CA PHE C 14 12.01 -10.70 19.42
C PHE C 14 11.48 -10.92 20.83
N PRO C 15 12.35 -11.41 21.75
CA PRO C 15 11.76 -11.86 23.03
C PRO C 15 11.23 -10.72 23.88
N LEU C 16 10.09 -10.93 24.56
CA LEU C 16 9.51 -9.91 25.40
C LEU C 16 10.34 -9.79 26.65
N LYS C 17 10.93 -8.62 26.89
CA LYS C 17 11.67 -8.38 28.12
C LYS C 17 10.73 -8.42 29.33
N ILE C 18 11.27 -8.76 30.47
CA ILE C 18 10.51 -8.80 31.73
C ILE C 18 10.69 -7.55 32.61
N PRO C 19 9.58 -6.93 33.09
CA PRO C 19 9.73 -5.77 33.98
C PRO C 19 10.30 -6.07 35.37
N PRO C 20 10.78 -5.02 36.10
CA PRO C 20 11.17 -5.25 37.49
C PRO C 20 9.97 -5.79 38.27
N ASN C 21 10.28 -6.61 39.26
CA ASN C 21 9.27 -7.12 40.17
C ASN C 21 7.97 -7.68 39.48
N ASP C 22 8.16 -8.51 38.46
CA ASP C 22 7.08 -9.14 37.73
C ASP C 22 6.38 -10.05 38.72
N PRO C 23 5.05 -10.10 38.69
CA PRO C 23 4.41 -11.06 39.61
C PRO C 23 4.70 -12.54 39.34
N ARG C 24 5.19 -12.89 38.15
CA ARG C 24 5.53 -14.34 37.85
C ARG C 24 6.99 -14.60 37.63
N ILE C 25 7.56 -13.93 36.63
CA ILE C 25 8.96 -14.13 36.19
C ILE C 25 9.98 -13.26 37.00
N LYS C 26 10.66 -13.90 37.96
CA LYS C 26 11.45 -13.22 38.99
C LYS C 26 12.86 -12.98 38.54
N ASN C 27 13.29 -13.61 37.45
CA ASN C 27 14.55 -13.21 36.79
C ASN C 27 14.32 -12.20 35.63
N GLN C 28 14.67 -10.92 35.88
CA GLN C 28 14.62 -9.83 34.89
C GLN C 28 15.46 -10.06 33.63
N ALA C 29 16.31 -11.08 33.68
CA ALA C 29 17.13 -11.51 32.57
C ALA C 29 16.42 -12.48 31.62
N ASP C 30 15.45 -13.21 32.16
CA ASP C 30 14.60 -14.13 31.38
C ASP C 30 13.66 -13.32 30.47
N CYS C 31 12.74 -14.00 29.80
CA CYS C 31 11.91 -13.39 28.77
C CYS C 31 10.70 -14.26 28.48
N ILE C 32 9.76 -13.73 27.69
CA ILE C 32 8.67 -14.56 27.15
C ILE C 32 8.98 -14.88 25.66
N PRO C 33 8.87 -16.18 25.23
CA PRO C 33 9.22 -16.52 23.85
C PRO C 33 8.43 -15.76 22.81
N PHE C 34 9.12 -15.35 21.74
CA PHE C 34 8.53 -14.63 20.63
C PHE C 34 9.37 -14.73 19.34
N PHE C 35 8.73 -15.20 18.26
CA PHE C 35 9.30 -15.32 16.95
C PHE C 35 8.64 -14.16 16.18
N ARG C 36 9.44 -13.38 15.46
CA ARG C 36 8.95 -12.43 14.50
C ARG C 36 8.20 -13.14 13.35
N SER C 37 7.10 -12.52 12.91
CA SER C 37 6.33 -12.95 11.75
C SER C 37 7.27 -12.94 10.54
N CSO C 38 7.12 -13.90 9.63
CA CSO C 38 7.96 -13.96 8.42
CB CSO C 38 7.55 -15.18 7.57
SG CSO C 38 7.69 -16.76 8.37
C CSO C 38 7.77 -12.70 7.58
O CSO C 38 6.64 -12.23 7.38
OD CSO C 38 9.20 -17.02 8.31
N PRO C 39 8.84 -12.15 7.05
CA PRO C 39 8.67 -10.98 6.16
C PRO C 39 8.23 -11.42 4.78
N ALA C 40 7.60 -10.52 4.01
CA ALA C 40 7.16 -10.82 2.67
C ALA C 40 8.38 -10.82 1.74
N CYS C 41 9.37 -9.98 2.03
CA CYS C 41 10.62 -9.93 1.25
C CYS C 41 11.83 -10.08 2.16
N PRO C 42 12.20 -11.31 2.48
CA PRO C 42 13.31 -11.53 3.42
C PRO C 42 14.64 -10.94 3.00
N GLY C 43 15.33 -10.31 3.95
CA GLY C 43 16.63 -9.71 3.74
C GLY C 43 16.65 -8.41 2.95
N SER C 44 15.49 -7.87 2.60
CA SER C 44 15.45 -6.69 1.74
C SER C 44 15.90 -5.41 2.47
N ASN C 45 16.66 -4.60 1.76
CA ASN C 45 17.12 -3.32 2.23
C ASN C 45 16.35 -2.23 1.47
N ILE C 46 15.44 -2.62 0.58
CA ILE C 46 14.53 -1.66 -0.11
C ILE C 46 13.11 -1.59 0.56
N THR C 47 12.50 -2.74 0.79
CA THR C 47 11.11 -2.80 1.22
C THR C 47 10.94 -2.38 2.69
N ILE C 48 9.78 -1.84 3.02
CA ILE C 48 9.41 -1.59 4.40
C ILE C 48 8.79 -2.91 4.84
N ARG C 49 9.29 -3.53 5.91
CA ARG C 49 8.90 -4.90 6.26
C ARG C 49 7.38 -5.03 6.38
N ASN C 50 6.82 -6.07 5.72
CA ASN C 50 5.38 -6.41 5.85
C ASN C 50 5.27 -7.93 6.06
N GLN C 51 4.12 -8.37 6.55
CA GLN C 51 3.87 -9.71 6.90
C GLN C 51 2.94 -10.40 5.87
N ILE C 52 2.88 -11.71 5.93
CA ILE C 52 2.10 -12.53 4.97
C ILE C 52 0.80 -13.09 5.60
N ASN C 53 -0.29 -13.10 4.82
CA ASN C 53 -1.48 -13.87 5.16
C ASN C 53 -1.42 -15.20 4.42
N ALA C 54 -1.31 -16.28 5.21
CA ALA C 54 -1.29 -17.62 4.71
C ALA C 54 -2.65 -18.12 4.14
N LEU C 55 -3.71 -17.39 4.48
CA LEU C 55 -5.11 -17.78 4.19
C LEU C 55 -5.79 -16.92 3.17
N THR C 56 -6.85 -17.45 2.58
CA THR C 56 -7.71 -16.63 1.72
C THR C 56 -8.46 -15.63 2.63
N SER C 57 -8.45 -14.36 2.27
CA SER C 57 -9.10 -13.34 3.09
C SER C 57 -10.61 -13.53 3.15
N PHE C 58 -11.17 -14.09 2.08
CA PHE C 58 -12.61 -14.21 1.91
C PHE C 58 -13.22 -15.09 2.99
N VAL C 59 -14.44 -14.77 3.36
CA VAL C 59 -15.27 -15.60 4.22
C VAL C 59 -15.83 -16.71 3.29
N ASP C 60 -15.05 -17.78 3.20
CA ASP C 60 -15.25 -18.86 2.24
C ASP C 60 -15.06 -20.24 2.90
N ALA C 61 -15.01 -20.27 4.24
CA ALA C 61 -14.84 -21.52 5.03
C ALA C 61 -13.52 -22.22 4.71
N SER C 62 -12.50 -21.40 4.45
CA SER C 62 -11.21 -21.90 4.14
C SER C 62 -10.59 -22.57 5.37
N MET C 63 -11.16 -22.37 6.55
CA MET C 63 -10.70 -23.05 7.77
C MET C 63 -11.13 -24.54 7.77
N VAL C 64 -12.10 -24.87 6.92
CA VAL C 64 -12.59 -26.25 6.67
C VAL C 64 -11.87 -26.88 5.47
N TYR C 65 -11.72 -26.14 4.38
CA TYR C 65 -11.26 -26.71 3.09
C TYR C 65 -9.80 -26.52 2.73
N GLY C 66 -9.13 -25.53 3.36
CA GLY C 66 -7.77 -25.25 3.08
C GLY C 66 -7.65 -24.02 2.23
N SER C 67 -6.48 -23.40 2.26
CA SER C 67 -6.21 -22.30 1.37
C SER C 67 -5.11 -22.57 0.35
N GLU C 68 -4.58 -23.79 0.32
CA GLU C 68 -3.51 -24.20 -0.63
C GLU C 68 -3.85 -25.60 -1.21
N GLU C 69 -3.49 -25.82 -2.49
CA GLU C 69 -3.92 -26.99 -3.31
C GLU C 69 -3.57 -28.42 -2.79
N PRO C 70 -2.30 -28.67 -2.30
CA PRO C 70 -2.03 -30.06 -1.83
C PRO C 70 -2.82 -30.41 -0.55
N LEU C 71 -2.78 -29.53 0.45
CA LEU C 71 -3.61 -29.68 1.65
C LEU C 71 -5.12 -29.82 1.36
N ALA C 72 -5.66 -29.03 0.46
CA ALA C 72 -7.09 -29.14 0.14
C ALA C 72 -7.47 -30.53 -0.44
N ARG C 73 -6.58 -31.06 -1.26
CA ARG C 73 -6.74 -32.38 -1.88
C ARG C 73 -6.62 -33.45 -0.78
N ASN C 74 -5.67 -33.25 0.14
CA ASN C 74 -5.46 -34.14 1.25
C ASN C 74 -6.53 -34.12 2.29
N LEU C 75 -7.34 -33.06 2.31
CA LEU C 75 -8.47 -32.94 3.22
C LEU C 75 -9.71 -33.66 2.71
N ARG C 76 -9.65 -34.11 1.48
CA ARG C 76 -10.78 -34.78 0.81
C ARG C 76 -10.67 -36.30 0.87
N ASN C 77 -11.84 -36.95 0.78
CA ASN C 77 -11.96 -38.40 0.71
C ASN C 77 -11.89 -38.78 -0.76
N MET C 78 -10.77 -39.36 -1.19
CA MET C 78 -10.61 -39.65 -2.63
C MET C 78 -10.74 -41.14 -2.94
N SER C 79 -11.43 -41.87 -2.06
CA SER C 79 -11.54 -43.30 -2.22
C SER C 79 -12.86 -43.65 -2.92
N ASN C 80 -13.70 -42.64 -3.11
CA ASN C 80 -14.98 -42.82 -3.75
C ASN C 80 -15.40 -41.50 -4.40
N GLN C 81 -16.54 -41.48 -5.09
CA GLN C 81 -17.00 -40.31 -5.84
C GLN C 81 -18.11 -39.55 -5.14
N LEU C 82 -18.11 -39.58 -3.79
CA LEU C 82 -19.15 -38.99 -2.99
C LEU C 82 -18.85 -37.50 -2.61
N GLY C 83 -17.65 -37.01 -2.90
CA GLY C 83 -17.30 -35.61 -2.61
C GLY C 83 -17.22 -35.22 -1.15
N LEU C 84 -16.81 -36.17 -0.33
CA LEU C 84 -16.72 -36.01 1.11
C LEU C 84 -15.32 -35.52 1.47
N LEU C 85 -15.25 -34.94 2.66
CA LEU C 85 -14.00 -34.61 3.35
C LEU C 85 -13.58 -35.86 4.17
N ALA C 86 -12.29 -36.11 4.28
CA ALA C 86 -11.76 -37.24 5.04
C ALA C 86 -12.08 -37.12 6.53
N VAL C 87 -12.44 -38.26 7.11
CA VAL C 87 -12.74 -38.35 8.52
C VAL C 87 -11.71 -39.26 9.22
N ASN C 88 -11.62 -39.10 10.53
CA ASN C 88 -10.72 -39.90 11.36
C ASN C 88 -11.08 -41.38 11.17
N GLN C 89 -10.05 -42.19 10.94
CA GLN C 89 -10.12 -43.65 10.76
C GLN C 89 -9.89 -44.49 12.04
N ARG C 90 -9.22 -43.95 13.04
CA ARG C 90 -9.07 -44.65 14.34
C ARG C 90 -10.25 -44.43 15.33
N PHE C 91 -10.88 -43.25 15.32
CA PHE C 91 -11.91 -42.91 16.32
C PHE C 91 -13.09 -42.20 15.69
N GLN C 92 -14.24 -42.35 16.35
CA GLN C 92 -15.47 -41.65 16.02
C GLN C 92 -15.95 -41.13 17.36
N ASP C 93 -16.93 -40.22 17.33
CA ASP C 93 -17.50 -39.58 18.49
C ASP C 93 -18.92 -40.11 18.59
N ASN C 94 -19.12 -41.13 19.41
CA ASN C 94 -20.41 -41.88 19.44
C ASN C 94 -20.99 -42.08 18.01
N GLY C 95 -20.16 -42.58 17.11
CA GLY C 95 -20.59 -42.92 15.75
C GLY C 95 -20.53 -41.81 14.73
N ARG C 96 -20.11 -40.59 15.15
CA ARG C 96 -20.01 -39.43 14.26
C ARG C 96 -18.58 -39.04 13.94
N ALA C 97 -18.40 -38.34 12.82
CA ALA C 97 -17.08 -37.99 12.30
C ALA C 97 -16.23 -37.18 13.25
N LEU C 98 -14.94 -37.46 13.26
CA LEU C 98 -13.93 -36.55 13.86
C LEU C 98 -12.97 -36.22 12.73
N LEU C 99 -12.27 -35.09 12.87
CA LEU C 99 -11.24 -34.69 11.95
C LEU C 99 -10.12 -35.76 11.92
N PRO C 100 -9.56 -36.07 10.73
CA PRO C 100 -8.38 -36.96 10.74
C PRO C 100 -7.27 -36.33 11.57
N PHE C 101 -6.31 -37.15 12.01
CA PHE C 101 -5.11 -36.64 12.66
C PHE C 101 -4.15 -36.06 11.68
N ASP C 102 -3.34 -35.16 12.19
CA ASP C 102 -2.30 -34.55 11.43
C ASP C 102 -1.05 -35.39 11.69
N ASN C 103 -0.02 -35.15 10.91
CA ASN C 103 1.29 -35.71 11.15
C ASN C 103 2.35 -34.58 11.25
N LEU C 104 2.45 -33.97 12.43
CA LEU C 104 3.39 -32.89 12.73
C LEU C 104 4.75 -33.37 13.27
N HIS C 105 5.83 -32.67 12.90
CA HIS C 105 7.17 -32.94 13.44
C HIS C 105 7.22 -32.87 14.99
N ASP C 106 7.05 -31.68 15.56
CA ASP C 106 6.97 -31.50 17.00
C ASP C 106 5.49 -31.17 17.37
N ASP C 107 4.72 -32.22 17.45
CA ASP C 107 3.30 -32.13 17.70
C ASP C 107 3.06 -31.72 19.16
N PRO C 108 2.43 -30.56 19.37
CA PRO C 108 2.17 -30.05 20.72
C PRO C 108 1.07 -30.83 21.45
N CYS C 109 0.10 -31.37 20.70
CA CYS C 109 -0.99 -32.13 21.29
C CYS C 109 -0.48 -33.40 22.02
N LEU C 110 0.54 -34.04 21.47
CA LEU C 110 1.24 -35.16 22.12
C LEU C 110 1.98 -34.86 23.45
N LEU C 111 2.12 -33.58 23.80
CA LEU C 111 2.74 -33.15 25.03
C LEU C 111 1.70 -32.78 26.12
N THR C 112 0.45 -32.55 25.74
CA THR C 112 -0.60 -32.13 26.69
C THR C 112 -1.09 -33.25 27.60
N ASN C 113 -0.99 -34.49 27.10
CA ASN C 113 -1.20 -35.73 27.87
C ASN C 113 -0.36 -36.80 27.20
N ARG C 114 0.82 -37.06 27.77
CA ARG C 114 1.82 -37.96 27.15
C ARG C 114 1.29 -39.38 27.05
N SER C 115 0.49 -39.84 28.03
CA SER C 115 -0.01 -41.21 28.00
C SER C 115 -1.13 -41.47 26.98
N ALA C 116 -2.01 -40.46 26.78
CA ALA C 116 -3.12 -40.59 25.83
C ALA C 116 -2.66 -40.77 24.40
N ARG C 117 -1.53 -40.16 24.04
CA ARG C 117 -0.92 -40.27 22.69
C ARG C 117 -1.88 -39.87 21.54
N ILE C 118 -2.57 -38.75 21.72
CA ILE C 118 -3.46 -38.28 20.68
C ILE C 118 -2.74 -37.07 20.02
N PRO C 119 -2.46 -37.19 18.73
CA PRO C 119 -1.80 -36.11 18.07
C PRO C 119 -2.84 -35.03 17.66
N CYS C 120 -2.38 -33.98 16.99
CA CYS C 120 -3.26 -32.92 16.56
C CYS C 120 -4.15 -33.33 15.33
N PHE C 121 -5.27 -32.62 15.18
CA PHE C 121 -6.21 -32.82 14.12
C PHE C 121 -5.72 -32.11 12.86
N LEU C 122 -6.13 -32.62 11.71
CA LEU C 122 -5.85 -31.98 10.44
C LEU C 122 -7.11 -31.33 9.91
N ALA C 123 -7.02 -30.03 9.65
CA ALA C 123 -8.13 -29.23 9.12
C ALA C 123 -7.60 -28.20 8.11
N GLY C 124 -8.48 -27.35 7.60
CA GLY C 124 -8.09 -26.40 6.56
C GLY C 124 -7.12 -25.32 7.11
N ASP C 125 -7.13 -25.14 8.42
CA ASP C 125 -6.31 -24.17 9.11
C ASP C 125 -5.57 -24.98 10.16
N THR C 126 -4.30 -24.63 10.33
CA THR C 126 -3.39 -25.31 11.25
C THR C 126 -3.73 -25.11 12.75
N ARG C 127 -4.59 -24.15 13.10
CA ARG C 127 -4.89 -23.89 14.50
C ARG C 127 -6.02 -24.75 15.09
N SER C 128 -6.52 -25.72 14.30
CA SER C 128 -7.78 -26.42 14.62
C SER C 128 -7.82 -27.05 16.01
N SER C 129 -6.65 -27.47 16.53
CA SER C 129 -6.53 -28.14 17.84
C SER C 129 -6.20 -27.20 19.02
N GLU C 130 -6.10 -25.87 18.78
CA GLU C 130 -5.61 -24.92 19.79
C GLU C 130 -6.41 -24.98 21.10
N MET C 131 -7.72 -25.19 20.95
CA MET C 131 -8.60 -25.41 22.09
C MET C 131 -9.73 -26.39 21.65
N PRO C 132 -10.14 -27.32 22.51
CA PRO C 132 -11.17 -28.28 22.08
C PRO C 132 -12.52 -27.64 21.67
N GLU C 133 -12.84 -26.45 22.19
CA GLU C 133 -14.03 -25.73 21.77
C GLU C 133 -13.94 -25.34 20.26
N LEU C 134 -12.75 -24.91 19.85
CA LEU C 134 -12.44 -24.61 18.47
C LEU C 134 -12.47 -25.86 17.62
N THR C 135 -11.83 -26.92 18.09
CA THR C 135 -11.88 -28.22 17.43
C THR C 135 -13.35 -28.66 17.18
N SER C 136 -14.23 -28.43 18.14
CA SER C 136 -15.66 -28.77 18.06
C SER C 136 -16.38 -28.05 16.91
N MET C 137 -16.06 -26.77 16.69
CA MET C 137 -16.63 -26.02 15.60
C MET C 137 -16.11 -26.50 14.23
N HIS C 138 -14.80 -26.81 14.15
CA HIS C 138 -14.19 -27.48 12.96
C HIS C 138 -14.82 -28.82 12.64
N THR C 139 -15.12 -29.58 13.68
CA THR C 139 -15.67 -30.91 13.50
C THR C 139 -17.12 -30.85 13.01
N LEU C 140 -17.88 -29.92 13.56
CA LEU C 140 -19.28 -29.64 13.14
C LEU C 140 -19.40 -29.31 11.65
N LEU C 141 -18.55 -28.39 11.18
CA LEU C 141 -18.51 -27.98 9.77
C LEU C 141 -18.10 -29.13 8.84
N LEU C 142 -17.20 -29.98 9.29
CA LEU C 142 -16.78 -31.13 8.55
C LEU C 142 -17.95 -32.07 8.35
N ARG C 143 -18.68 -32.31 9.44
CA ARG C 143 -19.86 -33.11 9.42
C ARG C 143 -20.91 -32.54 8.48
N GLU C 144 -21.17 -31.23 8.59
CA GLU C 144 -22.14 -30.53 7.69
C GLU C 144 -21.79 -30.66 6.21
N HIS C 145 -20.51 -30.53 5.87
CA HIS C 145 -20.10 -30.66 4.50
C HIS C 145 -20.53 -32.04 3.97
N ASN C 146 -20.16 -33.08 4.68
CA ASN C 146 -20.43 -34.50 4.29
C ASN C 146 -21.89 -34.77 4.24
N ARG C 147 -22.64 -34.24 5.21
CA ARG C 147 -24.09 -34.36 5.26
C ARG C 147 -24.70 -33.69 4.03
N LEU C 148 -24.14 -32.55 3.61
CA LEU C 148 -24.71 -31.83 2.44
C LEU C 148 -24.41 -32.61 1.18
N ALA C 149 -23.19 -33.14 1.11
CA ALA C 149 -22.76 -33.94 -0.01
C ALA C 149 -23.58 -35.24 -0.16
N THR C 150 -24.02 -35.80 0.98
CA THR C 150 -24.88 -37.01 0.97
C THR C 150 -26.24 -36.67 0.44
N GLU C 151 -26.85 -35.61 0.95
CA GLU C 151 -28.17 -35.19 0.49
C GLU C 151 -28.11 -34.70 -0.95
N LEU C 152 -27.01 -34.03 -1.32
CA LEU C 152 -26.88 -33.60 -2.69
C LEU C 152 -26.84 -34.81 -3.65
N LYS C 153 -26.23 -35.92 -3.22
CA LYS C 153 -26.03 -37.10 -4.10
C LYS C 153 -27.35 -37.79 -4.37
N SER C 154 -28.28 -37.77 -3.40
CA SER C 154 -29.61 -38.39 -3.47
C SER C 154 -30.47 -37.60 -4.42
N LEU C 155 -30.26 -36.28 -4.42
CA LEU C 155 -31.01 -35.31 -5.22
C LEU C 155 -30.58 -35.33 -6.64
N ASN C 156 -29.25 -35.39 -6.83
CA ASN C 156 -28.61 -35.40 -8.12
C ASN C 156 -27.66 -36.63 -8.26
N PRO C 157 -28.22 -37.82 -8.57
CA PRO C 157 -27.39 -39.03 -8.57
C PRO C 157 -26.28 -39.10 -9.60
N ARG C 158 -26.43 -38.40 -10.72
CA ARG C 158 -25.46 -38.40 -11.80
C ARG C 158 -24.25 -37.44 -11.64
N TRP C 159 -24.34 -36.51 -10.65
CA TRP C 159 -23.23 -35.63 -10.22
C TRP C 159 -22.04 -36.38 -9.71
N ASP C 160 -20.88 -36.05 -10.25
CA ASP C 160 -19.64 -36.69 -9.86
C ASP C 160 -19.05 -36.11 -8.52
N GLY C 161 -17.96 -36.73 -8.04
CA GLY C 161 -17.30 -36.45 -6.76
C GLY C 161 -16.85 -35.01 -6.63
N GLU C 162 -16.32 -34.47 -7.72
CA GLU C 162 -15.92 -33.07 -7.82
C GLU C 162 -17.11 -32.11 -7.69
N ARG C 163 -18.20 -32.41 -8.39
CA ARG C 163 -19.41 -31.60 -8.43
C ARG C 163 -20.12 -31.52 -7.04
N LEU C 164 -20.20 -32.68 -6.37
CA LEU C 164 -20.77 -32.85 -5.03
C LEU C 164 -19.96 -32.16 -3.96
N TYR C 165 -18.61 -32.27 -4.04
CA TYR C 165 -17.73 -31.55 -3.09
C TYR C 165 -17.85 -30.05 -3.25
N GLN C 166 -17.65 -29.54 -4.47
CA GLN C 166 -17.83 -28.11 -4.77
C GLN C 166 -19.19 -27.55 -4.37
N GLU C 167 -20.27 -28.25 -4.67
CA GLU C 167 -21.63 -27.76 -4.33
C GLU C 167 -21.81 -27.75 -2.82
N ALA C 168 -21.18 -28.68 -2.13
CA ALA C 168 -21.37 -28.70 -0.69
C ALA C 168 -20.50 -27.63 -0.03
N ARG C 169 -19.33 -27.37 -0.61
CA ARG C 169 -18.39 -26.36 -0.13
C ARG C 169 -18.99 -24.99 -0.32
N LYS C 170 -19.69 -24.81 -1.44
CA LYS C 170 -20.36 -23.58 -1.74
C LYS C 170 -21.39 -23.31 -0.66
N ILE C 171 -22.18 -24.31 -0.29
CA ILE C 171 -23.20 -24.13 0.79
C ILE C 171 -22.57 -23.78 2.14
N VAL C 172 -21.55 -24.55 2.57
CA VAL C 172 -20.85 -24.27 3.82
C VAL C 172 -20.32 -22.81 3.89
N GLY C 173 -19.65 -22.36 2.85
CA GLY C 173 -19.16 -21.00 2.79
C GLY C 173 -20.27 -19.97 2.94
N ALA C 174 -21.39 -20.25 2.27
CA ALA C 174 -22.59 -19.40 2.36
C ALA C 174 -23.16 -19.41 3.76
N MET C 175 -23.06 -20.54 4.45
CA MET C 175 -23.57 -20.66 5.83
C MET C 175 -22.68 -19.82 6.77
N VAL C 176 -21.36 -19.87 6.55
CA VAL C 176 -20.41 -19.12 7.38
C VAL C 176 -20.64 -17.59 7.15
N GLN C 177 -20.94 -17.18 5.91
CA GLN C 177 -21.25 -15.74 5.60
C GLN C 177 -22.57 -15.23 6.24
N ILE C 178 -23.61 -16.05 6.15
CA ILE C 178 -24.92 -15.75 6.77
C ILE C 178 -24.77 -15.61 8.28
N ILE C 179 -24.22 -16.65 8.94
CA ILE C 179 -24.02 -16.67 10.38
C ILE C 179 -23.15 -15.45 10.83
N THR C 180 -22.10 -15.17 10.07
CA THR C 180 -21.25 -14.03 10.35
C THR C 180 -21.98 -12.69 10.26
N TYR C 181 -22.58 -12.41 9.11
CA TYR C 181 -23.13 -11.06 8.83
C TYR C 181 -24.54 -10.80 9.39
N ARG C 182 -25.36 -11.82 9.54
CA ARG C 182 -26.71 -11.67 10.12
C ARG C 182 -26.66 -11.80 11.64
N ASP C 183 -25.86 -12.72 12.17
CA ASP C 183 -25.95 -13.07 13.60
C ASP C 183 -24.81 -12.54 14.46
N TYR C 184 -23.55 -12.58 13.95
CA TYR C 184 -22.34 -12.33 14.74
C TYR C 184 -21.96 -10.86 14.72
N LEU C 185 -21.74 -10.30 13.52
CA LEU C 185 -21.25 -8.95 13.39
C LEU C 185 -22.15 -7.86 14.06
N PRO C 186 -23.51 -7.94 13.94
CA PRO C 186 -24.33 -6.91 14.61
C PRO C 186 -24.13 -6.80 16.13
N LEU C 187 -23.75 -7.91 16.75
CA LEU C 187 -23.54 -8.08 18.17
C LEU C 187 -22.11 -7.74 18.55
N VAL C 188 -21.25 -7.65 17.57
CA VAL C 188 -19.87 -7.20 17.80
C VAL C 188 -19.84 -5.68 17.79
N LEU C 189 -20.35 -5.09 16.72
CA LEU C 189 -20.31 -3.64 16.40
C LEU C 189 -21.40 -2.77 17.09
N GLY C 190 -22.55 -3.39 17.38
CA GLY C 190 -23.74 -2.69 17.80
C GLY C 190 -24.48 -2.08 16.63
N PRO C 191 -25.70 -1.61 16.82
CA PRO C 191 -26.50 -1.22 15.65
C PRO C 191 -26.00 0.04 14.95
N THR C 192 -25.47 1.01 15.72
CA THR C 192 -24.98 2.27 15.15
C THR C 192 -23.79 2.01 14.19
N ALA C 193 -22.81 1.26 14.66
CA ALA C 193 -21.66 0.90 13.82
C ALA C 193 -22.03 -0.08 12.68
N MET C 194 -23.03 -0.95 12.91
CA MET C 194 -23.50 -1.84 11.87
C MET C 194 -24.07 -1.07 10.71
N ARG C 195 -24.81 0.02 10.97
CA ARG C 195 -25.46 0.80 9.90
C ARG C 195 -24.44 1.52 9.11
N LYS C 196 -23.45 2.07 9.82
CA LYS C 196 -22.45 2.94 9.27
C LYS C 196 -21.52 2.12 8.40
N TYR C 197 -20.89 1.11 8.97
CA TYR C 197 -19.83 0.38 8.25
C TYR C 197 -20.36 -0.76 7.37
N LEU C 198 -21.53 -1.28 7.68
CA LEU C 198 -22.10 -2.36 6.90
C LEU C 198 -23.50 -2.06 6.36
N PRO C 199 -23.61 -1.12 5.41
CA PRO C 199 -24.94 -0.78 4.89
C PRO C 199 -25.48 -1.91 3.99
N THR C 200 -26.78 -1.88 3.68
CA THR C 200 -27.44 -2.95 2.94
C THR C 200 -26.62 -3.26 1.68
N TYR C 201 -26.28 -4.54 1.50
CA TYR C 201 -25.53 -4.99 0.31
C TYR C 201 -26.34 -4.61 -0.96
N ARG C 202 -25.65 -4.08 -1.95
CA ARG C 202 -26.24 -3.63 -3.20
C ARG C 202 -25.67 -4.42 -4.37
N SER C 203 -24.36 -4.67 -4.37
CA SER C 203 -23.72 -5.47 -5.45
C SER C 203 -22.24 -5.67 -5.24
N TYR C 204 -21.69 -6.65 -5.93
CA TYR C 204 -20.26 -6.90 -5.97
C TYR C 204 -19.60 -5.68 -6.69
N ASN C 205 -18.48 -5.24 -6.16
CA ASN C 205 -17.69 -4.12 -6.75
C ASN C 205 -16.27 -4.65 -6.91
N ASP C 206 -15.81 -4.82 -8.14
CA ASP C 206 -14.49 -5.38 -8.40
C ASP C 206 -13.35 -4.36 -8.10
N SER C 207 -13.71 -3.18 -7.56
CA SER C 207 -12.74 -2.18 -7.14
C SER C 207 -12.59 -2.10 -5.61
N VAL C 208 -13.37 -2.84 -4.85
CA VAL C 208 -13.18 -2.94 -3.42
C VAL C 208 -12.05 -3.96 -3.14
N ASP C 209 -10.97 -3.49 -2.53
CA ASP C 209 -9.83 -4.34 -2.14
C ASP C 209 -10.24 -5.33 -1.00
N PRO C 210 -10.26 -6.67 -1.27
CA PRO C 210 -10.77 -7.66 -0.28
C PRO C 210 -9.69 -8.27 0.61
N ARG C 211 -8.46 -7.77 0.53
CA ARG C 211 -7.35 -8.17 1.41
C ARG C 211 -7.54 -7.79 2.89
N ILE C 212 -7.02 -8.65 3.77
CA ILE C 212 -7.00 -8.40 5.16
C ILE C 212 -5.91 -7.29 5.35
N ALA C 213 -6.25 -6.28 6.13
CA ALA C 213 -5.32 -5.26 6.52
C ALA C 213 -4.47 -5.79 7.68
N ASN C 214 -3.17 -5.43 7.70
CA ASN C 214 -2.24 -5.80 8.79
C ASN C 214 -2.86 -5.46 10.14
N VAL C 215 -3.37 -4.22 10.32
CA VAL C 215 -4.03 -3.82 11.60
C VAL C 215 -5.17 -4.74 12.08
N PHE C 216 -5.98 -5.27 11.15
CA PHE C 216 -7.07 -6.16 11.47
C PHE C 216 -6.60 -7.42 12.26
N THR C 217 -5.42 -7.91 11.93
CA THR C 217 -4.87 -9.12 12.59
C THR C 217 -4.58 -8.89 14.06
N ASN C 218 -4.44 -7.62 14.44
CA ASN C 218 -4.28 -7.26 15.83
C ASN C 218 -5.59 -6.77 16.41
N ALA C 219 -6.34 -5.98 15.65
CA ALA C 219 -7.60 -5.41 16.14
C ALA C 219 -8.68 -6.47 16.44
N PHE C 220 -8.77 -7.52 15.64
CA PHE C 220 -9.75 -8.59 15.80
C PHE C 220 -9.42 -9.53 16.98
N ARG C 221 -8.23 -9.37 17.58
CA ARG C 221 -7.85 -10.07 18.79
C ARG C 221 -8.57 -9.42 19.99
N TYR C 222 -9.54 -8.50 19.73
CA TYR C 222 -10.46 -7.94 20.77
C TYR C 222 -11.14 -9.04 21.53
N GLY C 223 -11.34 -10.16 20.83
CA GLY C 223 -12.03 -11.35 21.31
C GLY C 223 -11.38 -12.02 22.48
N HIS C 224 -10.07 -11.93 22.56
CA HIS C 224 -9.35 -12.39 23.73
C HIS C 224 -9.95 -11.83 25.04
N THR C 225 -10.52 -10.64 25.06
CA THR C 225 -11.23 -10.12 26.25
C THR C 225 -12.52 -10.93 26.63
N LEU C 226 -12.98 -11.80 25.74
CA LEU C 226 -14.22 -12.59 25.93
C LEU C 226 -14.01 -14.00 26.51
N ILE C 227 -12.74 -14.38 26.67
CA ILE C 227 -12.32 -15.72 27.02
C ILE C 227 -12.54 -15.97 28.52
N GLN C 228 -13.28 -17.02 28.85
CA GLN C 228 -13.48 -17.52 30.21
C GLN C 228 -12.25 -18.36 30.64
N PRO C 229 -11.96 -18.44 31.95
CA PRO C 229 -10.79 -19.21 32.38
C PRO C 229 -10.99 -20.74 32.33
N PHE C 230 -12.18 -21.21 31.99
CA PHE C 230 -12.47 -22.64 31.93
C PHE C 230 -13.03 -23.06 30.57
N MET C 231 -12.89 -24.36 30.26
CA MET C 231 -13.68 -25.02 29.24
C MET C 231 -14.85 -25.70 29.96
N PHE C 232 -16.07 -25.35 29.57
CA PHE C 232 -17.28 -25.81 30.29
C PHE C 232 -17.86 -26.95 29.49
N ARG C 233 -18.21 -28.04 30.18
CA ARG C 233 -18.79 -29.22 29.54
C ARG C 233 -20.12 -29.61 30.23
N LEU C 234 -21.15 -29.89 29.42
CA LEU C 234 -22.48 -30.19 29.98
C LEU C 234 -23.07 -31.42 29.35
N ASP C 235 -23.87 -32.16 30.13
CA ASP C 235 -24.46 -33.45 29.65
C ASP C 235 -25.78 -33.26 28.90
N ASN C 236 -26.48 -34.34 28.57
CA ASN C 236 -27.69 -34.22 27.77
C ASN C 236 -28.86 -33.61 28.51
N ARG C 237 -28.66 -33.14 29.75
CA ARG C 237 -29.69 -32.33 30.43
C ARG C 237 -29.16 -30.91 30.77
N TYR C 238 -28.03 -30.54 30.16
CA TYR C 238 -27.33 -29.25 30.35
C TYR C 238 -26.91 -29.06 31.82
N GLN C 239 -26.57 -30.17 32.46
CA GLN C 239 -26.06 -30.18 33.83
C GLN C 239 -24.57 -30.40 33.73
N PRO C 240 -23.79 -29.89 34.71
CA PRO C 240 -22.34 -30.06 34.68
C PRO C 240 -21.89 -31.50 34.41
N MET C 241 -21.05 -31.69 33.39
CA MET C 241 -20.45 -33.01 33.09
C MET C 241 -19.43 -33.44 34.16
N GLU C 242 -19.88 -34.30 35.08
CA GLU C 242 -19.00 -34.85 36.12
C GLU C 242 -18.11 -35.95 35.51
N PRO C 243 -16.92 -36.19 36.10
CA PRO C 243 -16.34 -35.54 37.30
C PRO C 243 -15.76 -34.12 37.13
N ASN C 244 -15.43 -33.71 35.89
CA ASN C 244 -14.72 -32.44 35.63
C ASN C 244 -15.47 -31.49 34.65
N PRO C 245 -16.50 -30.79 35.17
CA PRO C 245 -17.24 -29.87 34.32
C PRO C 245 -16.46 -28.58 33.95
N ARG C 246 -15.58 -28.10 34.84
CA ARG C 246 -14.79 -26.87 34.60
C ARG C 246 -13.31 -27.19 34.55
N VAL C 247 -12.77 -27.31 33.35
CA VAL C 247 -11.34 -27.61 33.20
C VAL C 247 -10.65 -26.27 32.95
N PRO C 248 -9.63 -25.92 33.79
CA PRO C 248 -8.86 -24.67 33.52
C PRO C 248 -8.31 -24.64 32.11
N LEU C 249 -8.37 -23.46 31.49
CA LEU C 249 -8.00 -23.34 30.08
C LEU C 249 -6.54 -23.77 29.83
N SER C 250 -5.63 -23.54 30.81
CA SER C 250 -4.21 -23.90 30.65
C SER C 250 -3.96 -25.39 30.57
N ARG C 251 -4.99 -26.21 30.73
CA ARG C 251 -4.87 -27.67 30.57
C ARG C 251 -5.68 -28.21 29.35
N VAL C 252 -6.33 -27.32 28.59
CA VAL C 252 -7.03 -27.73 27.37
C VAL C 252 -6.32 -27.23 26.11
N PHE C 253 -5.40 -26.30 26.18
CA PHE C 253 -4.66 -25.89 24.93
C PHE C 253 -4.04 -27.13 24.29
N PHE C 254 -4.42 -27.34 23.05
CA PHE C 254 -3.89 -28.39 22.20
C PHE C 254 -4.18 -29.73 22.82
N ALA C 255 -5.23 -29.83 23.62
CA ALA C 255 -5.56 -31.09 24.25
C ALA C 255 -6.59 -31.81 23.40
N SER C 256 -6.19 -32.21 22.20
CA SER C 256 -7.04 -33.03 21.29
C SER C 256 -7.53 -34.36 21.92
N TRP C 257 -6.77 -34.89 22.87
CA TRP C 257 -7.13 -36.13 23.55
C TRP C 257 -8.39 -35.94 24.36
N ARG C 258 -8.71 -34.71 24.81
CA ARG C 258 -10.00 -34.45 25.48
C ARG C 258 -11.23 -34.65 24.55
N VAL C 259 -11.08 -34.34 23.28
CA VAL C 259 -12.19 -34.54 22.32
C VAL C 259 -12.34 -36.06 22.12
N VAL C 260 -11.21 -36.73 21.91
CA VAL C 260 -11.16 -38.18 21.56
C VAL C 260 -11.48 -39.09 22.76
N LEU C 261 -10.98 -38.75 23.96
CA LEU C 261 -11.13 -39.59 25.13
C LEU C 261 -12.07 -39.10 26.22
N GLU C 262 -12.55 -37.87 26.18
CA GLU C 262 -13.52 -37.36 27.20
C GLU C 262 -14.83 -36.83 26.67
N GLY C 263 -15.52 -37.59 25.81
CA GLY C 263 -16.92 -37.35 25.48
C GLY C 263 -17.28 -36.78 24.12
N GLY C 264 -16.29 -36.55 23.26
CA GLY C 264 -16.57 -35.99 21.95
C GLY C 264 -16.95 -34.52 22.00
N ILE C 265 -17.57 -34.04 20.94
CA ILE C 265 -17.86 -32.61 20.77
C ILE C 265 -19.18 -32.20 21.41
N ASP C 266 -20.09 -33.14 21.68
CA ASP C 266 -21.37 -32.72 22.28
C ASP C 266 -21.27 -31.90 23.60
N PRO C 267 -20.56 -32.41 24.63
CA PRO C 267 -20.56 -31.65 25.89
C PRO C 267 -19.90 -30.29 25.80
N ILE C 268 -18.99 -30.13 24.86
CA ILE C 268 -18.27 -28.88 24.58
C ILE C 268 -19.24 -27.87 23.93
N LEU C 269 -19.94 -28.31 22.88
CA LEU C 269 -20.91 -27.47 22.16
C LEU C 269 -22.03 -26.95 23.09
N ARG C 270 -22.50 -27.84 23.98
CA ARG C 270 -23.46 -27.47 25.00
C ARG C 270 -22.89 -26.40 26.00
N GLY C 271 -21.62 -26.57 26.42
CA GLY C 271 -20.97 -25.60 27.32
C GLY C 271 -20.90 -24.22 26.65
N LEU C 272 -20.60 -24.20 25.36
CA LEU C 272 -20.52 -22.96 24.60
C LEU C 272 -21.89 -22.25 24.53
N MET C 273 -22.93 -23.03 24.26
CA MET C 273 -24.24 -22.51 24.14
C MET C 273 -24.81 -21.99 25.47
N ALA C 274 -24.56 -22.72 26.55
CA ALA C 274 -25.20 -22.47 27.85
C ALA C 274 -24.31 -21.79 28.90
N THR C 275 -23.19 -21.24 28.50
CA THR C 275 -22.32 -20.49 29.43
C THR C 275 -22.09 -19.09 28.94
N PRO C 276 -22.16 -18.08 29.84
CA PRO C 276 -21.93 -16.72 29.35
C PRO C 276 -20.48 -16.52 28.95
N ALA C 277 -20.25 -15.63 27.99
CA ALA C 277 -18.87 -15.11 27.75
C ALA C 277 -18.49 -14.22 28.87
N LYS C 278 -17.19 -13.94 28.93
CA LYS C 278 -16.67 -12.94 29.80
C LYS C 278 -17.00 -11.62 29.15
N LEU C 279 -17.43 -10.67 29.98
CA LEU C 279 -17.66 -9.31 29.57
C LEU C 279 -16.36 -8.50 29.67
N ASN C 280 -16.01 -7.79 28.61
CA ASN C 280 -14.84 -6.92 28.67
C ASN C 280 -15.20 -5.69 29.53
N ARG C 281 -14.53 -5.55 30.66
CA ARG C 281 -14.64 -4.33 31.46
C ARG C 281 -13.32 -3.64 31.60
N GLN C 282 -13.35 -2.34 31.86
CA GLN C 282 -12.14 -1.52 31.83
C GLN C 282 -11.14 -1.92 32.91
N ASN C 283 -11.63 -2.55 34.00
CA ASN C 283 -10.71 -3.10 35.01
C ASN C 283 -10.76 -4.65 35.06
N GLN C 284 -11.31 -5.25 34.03
CA GLN C 284 -11.40 -6.71 33.89
C GLN C 284 -11.13 -7.12 32.43
N ILE C 285 -9.98 -6.69 31.89
CA ILE C 285 -9.66 -6.85 30.45
C ILE C 285 -9.45 -8.32 30.04
N ALA C 286 -8.44 -9.03 30.59
CA ALA C 286 -8.26 -10.42 30.24
C ALA C 286 -7.76 -11.28 31.43
N VAL C 287 -8.16 -12.54 31.41
CA VAL C 287 -7.90 -13.51 32.47
C VAL C 287 -6.46 -13.97 32.52
N ASP C 288 -6.03 -14.38 33.72
CA ASP C 288 -4.68 -14.92 33.92
C ASP C 288 -4.45 -16.27 33.23
N GLU C 289 -5.53 -16.94 32.82
CA GLU C 289 -5.39 -18.24 32.14
C GLU C 289 -4.71 -18.08 30.80
N ILE C 290 -4.88 -16.89 30.21
CA ILE C 290 -4.20 -16.46 29.00
C ILE C 290 -3.08 -15.43 29.22
N ARG C 291 -3.13 -14.70 30.35
CA ARG C 291 -2.15 -13.68 30.66
C ARG C 291 -0.91 -14.28 31.32
N GLU C 292 -1.09 -15.36 32.04
CA GLU C 292 0.03 -16.01 32.80
C GLU C 292 0.28 -17.47 32.41
N ARG C 293 -0.76 -18.18 31.91
CA ARG C 293 -0.62 -19.62 31.64
C ARG C 293 -0.93 -20.04 30.22
N LEU C 294 -0.87 -19.11 29.28
CA LEU C 294 -1.06 -19.48 27.91
C LEU C 294 -0.05 -20.56 27.46
N PHE C 295 -0.60 -21.67 26.94
CA PHE C 295 0.15 -22.80 26.37
C PHE C 295 1.14 -23.36 27.40
N GLU C 296 0.71 -23.34 28.65
CA GLU C 296 1.56 -23.78 29.78
C GLU C 296 2.13 -25.21 29.63
N GLN C 297 1.29 -26.12 29.13
CA GLN C 297 1.67 -27.51 28.87
C GLN C 297 2.64 -27.81 27.69
N VAL C 298 2.83 -26.87 26.75
CA VAL C 298 3.61 -27.13 25.50
C VAL C 298 4.77 -26.14 25.27
N MET C 299 5.04 -25.30 26.28
CA MET C 299 6.09 -24.29 26.24
C MET C 299 6.92 -24.35 27.51
N ARG C 300 8.11 -23.74 27.52
CA ARG C 300 8.97 -23.78 28.74
C ARG C 300 8.38 -23.01 29.94
N ILE C 301 7.57 -22.00 29.66
CA ILE C 301 6.80 -21.24 30.66
C ILE C 301 5.48 -20.85 29.99
N GLY C 302 4.50 -20.52 30.81
CA GLY C 302 3.27 -19.89 30.29
C GLY C 302 3.49 -18.57 29.56
N LEU C 303 2.73 -18.37 28.50
CA LEU C 303 2.87 -17.15 27.76
C LEU C 303 1.85 -16.13 28.26
N ASP C 304 1.95 -14.90 27.78
CA ASP C 304 1.09 -13.80 28.18
C ASP C 304 0.44 -13.28 26.88
N LEU C 305 -0.78 -13.76 26.59
CA LEU C 305 -1.48 -13.39 25.32
C LEU C 305 -1.70 -11.88 25.07
N PRO C 306 -2.23 -11.13 26.03
CA PRO C 306 -2.21 -9.67 25.85
C PRO C 306 -0.84 -9.04 25.48
N ALA C 307 0.22 -9.41 26.19
CA ALA C 307 1.53 -8.87 25.93
C ALA C 307 2.04 -9.29 24.53
N LEU C 308 1.75 -10.54 24.13
CA LEU C 308 2.12 -11.06 22.81
C LEU C 308 1.38 -10.25 21.74
N ASN C 309 0.15 -9.84 22.03
CA ASN C 309 -0.65 -8.96 21.12
C ASN C 309 0.05 -7.65 20.85
N MET C 310 0.49 -7.00 21.93
CA MET C 310 1.23 -5.74 21.89
C MET C 310 2.58 -5.89 21.25
N GLN C 311 3.30 -6.99 21.55
CA GLN C 311 4.59 -7.20 20.94
C GLN C 311 4.43 -7.45 19.43
N ARG C 312 3.38 -8.22 19.07
CA ARG C 312 3.01 -8.53 17.68
C ARG C 312 2.75 -7.21 16.91
N SER C 313 1.95 -6.34 17.49
CA SER C 313 1.70 -5.02 16.87
C SER C 313 3.03 -4.23 16.61
N ARG C 314 4.07 -4.43 17.43
CA ARG C 314 5.39 -3.75 17.15
C ARG C 314 6.19 -4.44 16.07
N ASP C 315 6.23 -5.78 16.12
CA ASP C 315 6.79 -6.66 15.13
C ASP C 315 6.28 -6.25 13.73
N HIS C 316 4.99 -5.98 13.64
CA HIS C 316 4.28 -5.59 12.39
C HIS C 316 4.33 -4.07 12.08
N GLY C 317 5.00 -3.31 12.92
CA GLY C 317 5.23 -1.90 12.69
C GLY C 317 3.96 -1.14 12.58
N LEU C 318 2.97 -1.47 13.42
CA LEU C 318 1.68 -0.78 13.41
C LEU C 318 1.78 0.57 14.16
N PRO C 319 1.16 1.62 13.56
CA PRO C 319 1.00 2.90 14.23
C PRO C 319 0.27 2.75 15.58
N GLY C 320 0.44 3.73 16.44
CA GLY C 320 -0.19 3.77 17.73
C GLY C 320 -1.66 4.17 17.69
N TYR C 321 -2.25 4.20 18.88
CA TYR C 321 -3.64 4.53 19.08
C TYR C 321 -4.12 5.81 18.37
N ASN C 322 -3.40 6.93 18.47
CA ASN C 322 -3.91 8.14 17.86
C ASN C 322 -3.99 8.11 16.34
N ALA C 323 -3.01 7.49 15.72
CA ALA C 323 -2.94 7.40 14.28
C ALA C 323 -4.10 6.57 13.75
N TRP C 324 -4.49 5.52 14.47
CA TRP C 324 -5.68 4.75 14.13
C TRP C 324 -7.00 5.51 14.40
N ARG C 325 -7.02 6.34 15.45
CA ARG C 325 -8.14 7.24 15.75
C ARG C 325 -8.32 8.22 14.62
N ARG C 326 -7.23 8.82 14.17
CA ARG C 326 -7.23 9.70 13.06
C ARG C 326 -7.72 9.03 11.75
N PHE C 327 -7.13 7.88 11.44
CA PHE C 327 -7.59 7.02 10.32
C PHE C 327 -9.12 6.80 10.31
N CYS C 328 -9.65 6.57 11.48
CA CYS C 328 -11.05 6.27 11.66
C CYS C 328 -11.96 7.53 11.71
N GLY C 329 -11.38 8.70 11.59
CA GLY C 329 -12.13 9.95 11.68
C GLY C 329 -12.60 10.28 13.09
N LEU C 330 -11.94 9.71 14.09
CA LEU C 330 -12.29 9.89 15.52
C LEU C 330 -11.31 10.89 16.15
N PRO C 331 -11.80 11.76 17.08
CA PRO C 331 -10.91 12.73 17.74
C PRO C 331 -9.73 12.06 18.42
N GLN C 332 -8.55 12.71 18.38
CA GLN C 332 -7.33 12.15 18.95
C GLN C 332 -7.01 12.78 20.34
N PRO C 333 -7.23 12.02 21.42
CA PRO C 333 -6.82 12.61 22.71
C PRO C 333 -5.27 12.85 22.83
N GLU C 334 -4.84 14.03 23.27
CA GLU C 334 -3.41 14.29 23.42
C GLU C 334 -2.95 14.31 24.87
N THR C 335 -3.87 14.48 25.81
CA THR C 335 -3.52 14.53 27.25
C THR C 335 -4.29 13.51 28.09
N VAL C 336 -3.92 13.39 29.35
CA VAL C 336 -4.59 12.49 30.26
C VAL C 336 -6.06 12.86 30.44
N GLY C 337 -6.36 14.17 30.58
CA GLY C 337 -7.72 14.66 30.65
C GLY C 337 -8.53 14.25 29.41
N GLN C 338 -7.92 14.36 28.24
CA GLN C 338 -8.64 14.14 27.00
C GLN C 338 -8.86 12.60 26.82
N LEU C 339 -7.87 11.77 27.21
CA LEU C 339 -7.97 10.33 27.15
C LEU C 339 -9.02 9.88 28.17
N GLY C 340 -9.07 10.57 29.30
CA GLY C 340 -10.06 10.29 30.35
C GLY C 340 -11.49 10.36 29.83
N THR C 341 -11.79 11.39 29.06
CA THR C 341 -13.10 11.64 28.45
C THR C 341 -13.41 10.61 27.37
N VAL C 342 -12.45 10.36 26.51
CA VAL C 342 -12.62 9.35 25.43
C VAL C 342 -12.99 7.99 25.98
N LEU C 343 -12.27 7.59 27.02
CA LEU C 343 -12.48 6.31 27.67
C LEU C 343 -13.54 6.36 28.75
N ARG C 344 -14.00 7.58 29.07
CA ARG C 344 -14.92 7.85 30.17
C ARG C 344 -14.37 7.22 31.47
N ASN C 345 -13.06 7.38 31.67
CA ASN C 345 -12.34 6.68 32.75
C ASN C 345 -10.97 7.32 32.95
N LEU C 346 -10.91 8.31 33.83
CA LEU C 346 -9.69 9.07 34.03
C LEU C 346 -8.61 8.19 34.69
N LYS C 347 -9.04 7.27 35.55
CA LYS C 347 -8.15 6.32 36.26
C LYS C 347 -7.39 5.45 35.27
N LEU C 348 -8.11 4.85 34.33
CA LEU C 348 -7.46 4.04 33.28
C LEU C 348 -6.62 4.90 32.39
N ALA C 349 -7.08 6.13 32.10
CA ALA C 349 -6.27 7.05 31.30
C ALA C 349 -4.94 7.35 31.96
N ARG C 350 -4.93 7.55 33.29
CA ARG C 350 -3.70 7.80 34.07
C ARG C 350 -2.73 6.62 34.04
N LYS C 351 -3.26 5.41 34.14
CA LYS C 351 -2.48 4.16 34.08
C LYS C 351 -1.84 3.95 32.70
N LEU C 352 -2.62 4.24 31.66
CA LEU C 352 -2.14 4.15 30.29
C LEU C 352 -1.00 5.16 30.08
N MET C 353 -1.13 6.37 30.64
CA MET C 353 -0.06 7.38 30.50
C MET C 353 1.19 7.08 31.31
N GLU C 354 1.04 6.43 32.48
CA GLU C 354 2.20 6.01 33.28
C GLU C 354 3.07 5.02 32.52
N GLN C 355 2.43 4.04 31.89
CA GLN C 355 3.07 3.08 30.98
C GLN C 355 3.61 3.61 29.63
N TYR C 356 2.77 4.32 28.87
CA TYR C 356 3.10 4.76 27.51
C TYR C 356 3.66 6.17 27.39
N GLY C 357 3.31 7.07 28.31
CA GLY C 357 3.72 8.46 28.30
C GLY C 357 2.91 9.35 27.39
N THR C 358 2.59 8.87 26.20
CA THR C 358 1.79 9.61 25.25
C THR C 358 0.73 8.64 24.67
N PRO C 359 -0.50 9.15 24.39
CA PRO C 359 -1.52 8.31 23.72
C PRO C 359 -1.10 7.93 22.35
N ASN C 360 -0.15 8.65 21.75
CA ASN C 360 0.39 8.34 20.43
C ASN C 360 1.06 6.95 20.39
N ASN C 361 1.61 6.52 21.52
CA ASN C 361 2.36 5.27 21.60
C ASN C 361 1.55 4.06 22.09
N ILE C 362 0.32 4.25 22.48
CA ILE C 362 -0.51 3.16 23.00
C ILE C 362 -0.66 2.14 21.86
N ASP C 363 -0.32 0.89 22.15
CA ASP C 363 -0.52 -0.20 21.16
C ASP C 363 -1.99 -0.34 20.73
N ILE C 364 -2.20 -0.62 19.46
CA ILE C 364 -3.55 -0.64 18.89
C ILE C 364 -4.45 -1.63 19.68
N TRP C 365 -3.92 -2.79 20.10
CA TRP C 365 -4.80 -3.73 20.87
C TRP C 365 -5.17 -3.14 22.21
N MET C 366 -4.18 -2.63 22.93
CA MET C 366 -4.39 -2.02 24.27
C MET C 366 -5.34 -0.82 24.23
N GLY C 367 -5.06 0.14 23.35
CA GLY C 367 -6.00 1.25 23.10
C GLY C 367 -7.39 0.78 22.76
N GLY C 368 -7.51 -0.05 21.75
CA GLY C 368 -8.84 -0.51 21.29
C GLY C 368 -9.70 -1.20 22.35
N VAL C 369 -9.11 -2.15 23.09
CA VAL C 369 -9.92 -2.88 24.09
C VAL C 369 -10.25 -2.05 25.32
N SER C 370 -9.52 -0.96 25.50
CA SER C 370 -9.74 -0.08 26.63
C SER C 370 -10.92 0.82 26.46
N GLU C 371 -11.32 1.09 25.22
CA GLU C 371 -12.45 2.02 24.96
C GLU C 371 -13.80 1.48 25.48
N PRO C 372 -14.69 2.38 26.00
CA PRO C 372 -15.98 1.88 26.46
C PRO C 372 -16.75 1.21 25.32
N LEU C 373 -17.53 0.20 25.67
CA LEU C 373 -18.18 -0.60 24.64
C LEU C 373 -19.34 0.20 23.96
N LYS C 374 -19.47 0.06 22.63
CA LYS C 374 -20.62 0.72 21.94
C LYS C 374 -21.94 0.07 22.43
N ARG C 375 -23.06 0.79 22.31
CA ARG C 375 -24.37 0.29 22.79
C ARG C 375 -24.77 -0.97 21.99
N LYS C 376 -25.10 -2.02 22.73
CA LYS C 376 -25.43 -3.38 22.23
C LYS C 376 -24.30 -4.00 21.39
N GLY C 377 -23.09 -3.46 21.57
CA GLY C 377 -21.91 -4.00 20.93
C GLY C 377 -20.88 -4.46 21.95
N ARG C 378 -19.80 -5.10 21.48
CA ARG C 378 -18.70 -5.53 22.37
C ARG C 378 -17.30 -5.00 22.01
N VAL C 379 -17.31 -3.89 21.25
CA VAL C 379 -16.13 -3.07 20.95
C VAL C 379 -16.45 -1.59 21.06
N GLY C 380 -15.42 -0.78 21.30
CA GLY C 380 -15.55 0.67 21.26
C GLY C 380 -15.47 1.20 19.82
N PRO C 381 -15.50 2.51 19.66
CA PRO C 381 -15.58 3.06 18.31
C PRO C 381 -14.39 2.80 17.41
N LEU C 382 -13.18 2.79 17.95
CA LEU C 382 -12.03 2.53 17.14
C LEU C 382 -12.03 1.10 16.60
N LEU C 383 -12.28 0.10 17.44
CA LEU C 383 -12.31 -1.29 16.93
C LEU C 383 -13.54 -1.50 16.01
N ALA C 384 -14.67 -0.82 16.30
CA ALA C 384 -15.85 -0.88 15.46
C ALA C 384 -15.48 -0.47 14.06
N CYS C 385 -14.69 0.61 13.93
CA CYS C 385 -14.33 1.09 12.63
C CYS C 385 -13.37 0.16 11.89
N ILE C 386 -12.31 -0.34 12.55
CA ILE C 386 -11.35 -1.25 11.91
C ILE C 386 -12.07 -2.57 11.47
N ILE C 387 -12.86 -3.16 12.37
CA ILE C 387 -13.55 -4.41 12.11
C ILE C 387 -14.66 -4.23 11.04
N GLY C 388 -15.45 -3.18 11.21
CA GLY C 388 -16.57 -2.82 10.33
C GLY C 388 -16.06 -2.58 8.93
N THR C 389 -15.05 -1.75 8.80
CA THR C 389 -14.41 -1.50 7.49
C THR C 389 -13.91 -2.78 6.80
N GLN C 390 -13.25 -3.69 7.53
CA GLN C 390 -12.74 -4.96 6.98
C GLN C 390 -13.84 -5.83 6.45
N PHE C 391 -14.89 -6.00 7.27
CA PHE C 391 -15.98 -6.86 6.90
C PHE C 391 -16.76 -6.28 5.70
N ARG C 392 -16.78 -4.96 5.56
CA ARG C 392 -17.43 -4.33 4.38
C ARG C 392 -16.67 -4.72 3.12
N LYS C 393 -15.33 -4.65 3.21
CA LYS C 393 -14.44 -4.94 2.07
C LYS C 393 -14.46 -6.44 1.65
N LEU C 394 -14.52 -7.31 2.64
CA LEU C 394 -14.71 -8.78 2.45
C LEU C 394 -16.05 -9.16 1.84
N ARG C 395 -17.11 -8.40 2.08
CA ARG C 395 -18.41 -8.66 1.49
C ARG C 395 -18.49 -8.02 0.11
N ASP C 396 -18.22 -6.71 0.03
CA ASP C 396 -18.35 -5.99 -1.28
C ASP C 396 -17.27 -6.37 -2.30
N GLY C 397 -16.14 -6.92 -1.83
CA GLY C 397 -15.04 -7.29 -2.71
C GLY C 397 -14.92 -8.76 -3.06
N ASP C 398 -15.97 -9.52 -2.72
CA ASP C 398 -16.02 -10.97 -2.87
C ASP C 398 -17.00 -11.34 -3.99
N ARG C 399 -16.43 -11.84 -5.10
CA ARG C 399 -17.22 -12.17 -6.30
C ARG C 399 -18.18 -13.36 -6.02
N PHE C 400 -17.86 -14.18 -5.03
CA PHE C 400 -18.62 -15.38 -4.66
C PHE C 400 -19.47 -15.18 -3.37
N TRP C 401 -19.60 -13.93 -2.91
CA TRP C 401 -20.55 -13.58 -1.86
C TRP C 401 -21.89 -14.24 -2.16
N TRP C 402 -22.58 -14.70 -1.13
CA TRP C 402 -23.77 -15.49 -1.39
C TRP C 402 -24.94 -14.75 -2.07
N GLU C 403 -24.98 -13.42 -1.94
CA GLU C 403 -26.05 -12.59 -2.56
C GLU C 403 -25.66 -11.99 -3.88
N ASN C 404 -24.43 -12.22 -4.31
CA ASN C 404 -24.01 -11.72 -5.61
C ASN C 404 -24.75 -12.49 -6.71
N GLU C 405 -25.21 -11.76 -7.71
CA GLU C 405 -26.00 -12.30 -8.81
C GLU C 405 -25.15 -13.33 -9.52
N GLY C 406 -25.76 -14.47 -9.76
CA GLY C 406 -25.12 -15.58 -10.51
C GLY C 406 -24.54 -16.65 -9.60
N VAL C 407 -24.21 -16.29 -8.38
CA VAL C 407 -23.62 -17.23 -7.41
C VAL C 407 -24.65 -18.29 -6.99
N PHE C 408 -25.79 -17.84 -6.49
CA PHE C 408 -26.84 -18.76 -6.21
C PHE C 408 -28.07 -18.28 -6.98
N SER C 409 -29.05 -19.19 -7.20
CA SER C 409 -30.38 -18.82 -7.70
C SER C 409 -31.23 -18.17 -6.61
N MET C 410 -32.24 -17.42 -7.03
CA MET C 410 -33.17 -16.79 -6.13
C MET C 410 -33.76 -17.81 -5.16
N GLN C 411 -34.16 -18.95 -5.68
CA GLN C 411 -34.74 -20.03 -4.83
C GLN C 411 -33.70 -20.64 -3.82
N GLN C 412 -32.42 -20.80 -4.21
CA GLN C 412 -31.39 -21.25 -3.25
C GLN C 412 -31.11 -20.19 -2.19
N ARG C 413 -31.12 -18.94 -2.58
CA ARG C 413 -31.01 -17.80 -1.64
C ARG C 413 -32.14 -17.80 -0.65
N GLN C 414 -33.37 -17.97 -1.14
CA GLN C 414 -34.55 -18.12 -0.23
C GLN C 414 -34.30 -19.24 0.80
N ALA C 415 -33.85 -20.40 0.33
CA ALA C 415 -33.56 -21.55 1.19
C ALA C 415 -32.45 -21.25 2.21
N LEU C 416 -31.40 -20.59 1.73
CA LEU C 416 -30.22 -20.29 2.56
C LEU C 416 -30.46 -19.28 3.68
N ALA C 417 -31.36 -18.32 3.44
CA ALA C 417 -31.80 -17.33 4.43
C ALA C 417 -32.45 -17.99 5.67
N GLN C 418 -32.81 -19.27 5.60
CA GLN C 418 -33.43 -19.94 6.72
C GLN C 418 -32.35 -20.68 7.58
N ILE C 419 -31.09 -20.71 7.10
CA ILE C 419 -30.05 -21.39 7.89
C ILE C 419 -29.73 -20.67 9.20
N SER C 420 -29.27 -21.44 10.19
CA SER C 420 -28.92 -20.93 11.51
C SER C 420 -27.95 -21.94 12.16
N LEU C 421 -27.10 -21.45 13.07
CA LEU C 421 -26.12 -22.32 13.74
C LEU C 421 -26.77 -23.39 14.62
N PRO C 422 -27.89 -23.08 15.33
CA PRO C 422 -28.48 -24.13 16.19
C PRO C 422 -28.97 -25.31 15.38
N ARG C 423 -29.54 -25.04 14.19
CA ARG C 423 -29.95 -26.09 13.27
C ARG C 423 -28.75 -26.93 12.74
N ILE C 424 -27.63 -26.29 12.45
CA ILE C 424 -26.41 -27.01 11.99
C ILE C 424 -25.91 -27.94 13.12
N ILE C 425 -25.99 -27.46 14.37
CA ILE C 425 -25.66 -28.26 15.56
C ILE C 425 -26.64 -29.46 15.64
N CYS C 426 -27.95 -29.19 15.53
CA CYS C 426 -28.99 -30.24 15.56
C CYS C 426 -28.75 -31.34 14.52
N ASP C 427 -28.30 -30.93 13.33
CA ASP C 427 -28.11 -31.88 12.22
C ASP C 427 -26.85 -32.72 12.25
N ASN C 428 -25.87 -32.34 13.07
CA ASN C 428 -24.56 -32.97 13.03
C ASN C 428 -24.08 -33.52 14.36
N THR C 429 -24.93 -33.44 15.38
CA THR C 429 -24.58 -33.90 16.73
C THR C 429 -25.71 -34.72 17.31
N GLY C 430 -25.50 -35.19 18.53
CA GLY C 430 -26.56 -35.92 19.24
C GLY C 430 -27.34 -34.98 20.11
N ILE C 431 -26.98 -33.68 20.04
CA ILE C 431 -27.65 -32.60 20.79
C ILE C 431 -29.06 -32.36 20.27
N THR C 432 -30.05 -32.37 21.18
CA THR C 432 -31.48 -32.29 20.80
C THR C 432 -32.16 -31.06 21.31
N THR C 433 -31.55 -30.35 22.27
CA THR C 433 -32.01 -29.03 22.74
C THR C 433 -30.84 -28.02 22.48
N VAL C 434 -31.16 -26.94 21.80
CA VAL C 434 -30.18 -25.92 21.38
C VAL C 434 -30.70 -24.52 21.67
N SER C 435 -29.81 -23.53 21.57
CA SER C 435 -30.11 -22.13 21.77
C SER C 435 -31.15 -21.55 20.83
N LYS C 436 -32.01 -20.67 21.36
CA LYS C 436 -32.91 -19.84 20.56
C LYS C 436 -32.08 -18.84 19.79
N ASN C 437 -32.53 -18.45 18.60
CA ASN C 437 -31.82 -17.41 17.86
C ASN C 437 -32.06 -16.15 18.69
N ASN C 438 -31.07 -15.30 18.89
CA ASN C 438 -29.71 -15.38 18.38
C ASN C 438 -28.83 -16.26 19.29
N ILE C 439 -28.26 -17.32 18.72
CA ILE C 439 -27.36 -18.26 19.44
C ILE C 439 -26.26 -17.47 20.23
N PHE C 440 -25.78 -16.35 19.67
CA PHE C 440 -24.69 -15.56 20.28
C PHE C 440 -25.18 -14.71 21.48
N MET C 441 -26.48 -14.45 21.54
CA MET C 441 -27.08 -13.76 22.71
C MET C 441 -27.59 -14.73 23.78
N SER C 442 -28.34 -15.74 23.37
CA SER C 442 -28.84 -16.78 24.22
C SER C 442 -27.68 -17.45 24.97
N ASN C 443 -27.79 -17.58 26.28
CA ASN C 443 -26.70 -18.17 27.07
C ASN C 443 -27.12 -18.87 28.37
N SER C 444 -28.44 -18.95 28.62
CA SER C 444 -28.99 -19.45 29.88
C SER C 444 -30.02 -20.57 29.65
N TYR C 445 -29.64 -21.79 30.06
CA TYR C 445 -30.52 -22.94 30.03
C TYR C 445 -31.40 -22.98 31.28
N PRO C 446 -32.69 -23.33 31.12
CA PRO C 446 -33.44 -23.68 29.89
C PRO C 446 -34.17 -22.50 29.23
N ARG C 447 -34.11 -21.34 29.87
CA ARG C 447 -34.76 -20.11 29.40
C ARG C 447 -34.57 -19.82 27.91
N ASP C 448 -33.31 -19.75 27.47
CA ASP C 448 -32.94 -19.38 26.09
C ASP C 448 -32.85 -20.58 25.12
N PHE C 449 -33.48 -21.70 25.46
CA PHE C 449 -33.30 -22.95 24.69
C PHE C 449 -34.60 -23.51 24.12
N VAL C 450 -34.50 -24.28 23.05
CA VAL C 450 -35.67 -24.94 22.43
C VAL C 450 -35.25 -26.32 21.89
N ASN C 451 -36.26 -27.15 21.65
CA ASN C 451 -36.03 -28.45 21.02
C ASN C 451 -35.68 -28.24 19.58
N CYS C 452 -34.75 -29.06 19.10
CA CYS C 452 -34.32 -29.09 17.70
C CYS C 452 -35.50 -29.24 16.74
N SER C 453 -36.50 -30.03 17.13
CA SER C 453 -37.67 -30.31 16.27
C SER C 453 -38.48 -29.06 15.90
N THR C 454 -38.40 -27.99 16.70
CA THR C 454 -39.08 -26.70 16.39
C THR C 454 -38.38 -25.89 15.27
N LEU C 455 -37.19 -26.31 14.84
CA LEU C 455 -36.42 -25.57 13.80
C LEU C 455 -36.50 -26.28 12.47
N PRO C 456 -36.83 -25.56 11.36
CA PRO C 456 -36.94 -26.31 10.08
C PRO C 456 -35.56 -26.58 9.48
N ALA C 457 -35.37 -27.69 8.80
CA ALA C 457 -34.07 -27.99 8.20
C ALA C 457 -33.90 -27.15 6.93
N LEU C 458 -32.69 -27.06 6.41
CA LEU C 458 -32.45 -26.44 5.11
C LEU C 458 -33.12 -27.27 3.97
N ASN C 459 -34.02 -26.63 3.22
CA ASN C 459 -34.69 -27.25 2.06
C ASN C 459 -33.74 -27.25 0.89
N LEU C 460 -33.24 -28.41 0.48
CA LEU C 460 -32.32 -28.49 -0.65
C LEU C 460 -33.00 -28.75 -2.01
N ALA C 461 -34.34 -28.64 -2.09
CA ALA C 461 -35.10 -28.88 -3.32
C ALA C 461 -34.63 -28.06 -4.53
N SER C 462 -34.22 -26.79 -4.32
CA SER C 462 -33.75 -25.94 -5.39
C SER C 462 -32.32 -26.25 -5.87
N TRP C 463 -31.59 -27.16 -5.21
CA TRP C 463 -30.32 -27.66 -5.73
C TRP C 463 -30.49 -28.89 -6.64
N ARG C 464 -31.71 -29.37 -6.81
CA ARG C 464 -31.96 -30.50 -7.73
C ARG C 464 -31.82 -30.01 -9.18
N GLU C 465 -30.89 -30.61 -9.90
CA GLU C 465 -30.63 -30.27 -11.29
C GLU C 465 -31.80 -30.74 -12.18
N ALA C 466 -32.42 -29.81 -12.90
CA ALA C 466 -33.61 -30.12 -13.67
C ALA C 466 -33.28 -30.70 -15.08
N SER C 467 -33.92 -31.60 -15.61
N VAL D 1 20.70 -11.59 -21.83
CA VAL D 1 19.83 -10.99 -22.90
C VAL D 1 19.98 -9.48 -22.87
N ASN D 2 20.78 -8.98 -23.79
CA ASN D 2 20.98 -7.54 -23.94
C ASN D 2 19.78 -6.86 -24.62
N CYS D 3 18.96 -6.18 -23.81
CA CYS D 3 17.70 -5.53 -24.29
C CYS D 3 17.91 -4.52 -25.43
N GLU D 4 19.08 -3.87 -25.45
CA GLU D 4 19.42 -2.86 -26.47
C GLU D 4 19.74 -3.36 -27.88
N THR D 5 20.18 -4.62 -27.97
CA THR D 5 20.57 -5.25 -29.23
C THR D 5 19.64 -6.45 -29.65
N SER D 6 19.05 -7.11 -28.65
CA SER D 6 18.21 -8.29 -28.87
C SER D 6 16.73 -7.92 -28.82
N CYS D 7 15.91 -8.76 -29.46
CA CYS D 7 14.48 -8.57 -29.56
C CYS D 7 13.78 -9.76 -28.89
N VAL D 8 14.59 -10.62 -28.26
CA VAL D 8 14.04 -11.75 -27.53
C VAL D 8 13.30 -11.20 -26.30
N GLN D 9 12.16 -11.80 -25.98
CA GLN D 9 11.44 -11.43 -24.77
C GLN D 9 11.82 -12.30 -23.59
N GLN D 10 12.90 -11.94 -22.91
CA GLN D 10 13.29 -12.64 -21.69
C GLN D 10 13.75 -11.61 -20.65
N PRO D 11 13.65 -11.93 -19.34
CA PRO D 11 14.05 -10.92 -18.35
C PRO D 11 15.50 -10.46 -18.45
N PRO D 12 15.78 -9.16 -18.27
CA PRO D 12 14.88 -8.08 -17.83
C PRO D 12 14.20 -7.29 -18.96
N CYS D 13 14.10 -7.87 -20.15
CA CYS D 13 13.63 -7.13 -21.33
C CYS D 13 12.16 -7.34 -21.64
N PHE D 14 11.48 -6.29 -22.10
CA PHE D 14 10.09 -6.37 -22.54
C PHE D 14 9.94 -5.61 -23.87
N PRO D 15 10.56 -6.09 -24.96
CA PRO D 15 10.64 -5.25 -26.15
C PRO D 15 9.26 -4.91 -26.68
N LEU D 16 9.10 -3.76 -27.31
CA LEU D 16 7.83 -3.34 -27.93
C LEU D 16 7.79 -3.95 -29.33
N LYS D 17 6.75 -4.74 -29.58
CA LYS D 17 6.49 -5.42 -30.85
C LYS D 17 6.08 -4.40 -31.89
N ILE D 18 6.38 -4.66 -33.13
CA ILE D 18 6.08 -3.70 -34.20
C ILE D 18 4.87 -4.23 -35.02
N PRO D 19 3.82 -3.42 -35.21
CA PRO D 19 2.68 -3.87 -36.00
C PRO D 19 3.00 -3.84 -37.51
N PRO D 20 2.14 -4.50 -38.34
CA PRO D 20 2.32 -4.37 -39.82
C PRO D 20 2.10 -2.92 -40.30
N ASN D 21 2.67 -2.58 -41.46
CA ASN D 21 2.53 -1.26 -42.07
C ASN D 21 2.91 -0.11 -41.13
N ASP D 22 3.88 -0.32 -40.23
CA ASP D 22 4.48 0.75 -39.40
C ASP D 22 5.12 1.78 -40.30
N PRO D 23 4.97 3.09 -40.01
CA PRO D 23 5.50 4.10 -40.94
C PRO D 23 7.03 4.30 -40.97
N ARG D 24 7.76 3.60 -40.08
CA ARG D 24 9.20 3.72 -39.95
C ARG D 24 9.90 2.41 -39.97
N ILE D 25 9.43 1.44 -39.15
CA ILE D 25 10.10 0.15 -38.93
C ILE D 25 9.36 -0.95 -39.73
N LYS D 26 9.92 -1.30 -40.90
CA LYS D 26 9.29 -2.21 -41.88
C LYS D 26 9.47 -3.70 -41.57
N ASN D 27 10.47 -4.01 -40.77
CA ASN D 27 10.69 -5.37 -40.33
C ASN D 27 10.02 -5.61 -38.95
N GLN D 28 9.08 -6.55 -38.91
CA GLN D 28 8.36 -6.90 -37.70
C GLN D 28 9.14 -7.92 -36.81
N ALA D 29 10.35 -8.27 -37.24
CA ALA D 29 11.31 -9.07 -36.46
C ALA D 29 12.18 -8.10 -35.63
N ASP D 30 11.98 -6.81 -35.86
CA ASP D 30 12.67 -5.79 -35.12
C ASP D 30 11.77 -5.36 -33.93
N CYS D 31 12.28 -4.49 -33.07
CA CYS D 31 11.53 -4.06 -31.91
C CYS D 31 12.06 -2.73 -31.44
N ILE D 32 11.30 -2.07 -30.57
CA ILE D 32 11.83 -0.91 -29.90
C ILE D 32 12.35 -1.45 -28.55
N PRO D 33 13.68 -1.24 -28.22
CA PRO D 33 14.18 -1.86 -26.98
C PRO D 33 13.48 -1.29 -25.71
N PHE D 34 13.38 -2.11 -24.70
CA PHE D 34 12.71 -1.81 -23.45
C PHE D 34 13.23 -2.71 -22.33
N PHE D 35 13.74 -2.08 -21.27
CA PHE D 35 14.18 -2.75 -20.06
C PHE D 35 13.10 -2.52 -18.99
N ARG D 36 12.60 -3.61 -18.42
CA ARG D 36 11.65 -3.54 -17.33
C ARG D 36 12.27 -2.81 -16.13
N SER D 37 11.44 -2.05 -15.41
CA SER D 37 11.95 -1.30 -14.27
C SER D 37 12.40 -2.33 -13.19
N CSO D 38 13.46 -2.02 -12.42
CA CSO D 38 13.93 -2.91 -11.34
CB CSO D 38 15.03 -2.24 -10.52
SG CSO D 38 16.55 -2.02 -11.40
C CSO D 38 12.79 -3.19 -10.39
O CSO D 38 12.06 -2.29 -9.97
OD CSO D 38 16.83 -3.56 -11.53
N PRO D 39 12.59 -4.46 -10.05
CA PRO D 39 11.63 -4.74 -8.95
C PRO D 39 12.12 -4.36 -7.53
N ALA D 40 11.20 -3.89 -6.66
CA ALA D 40 11.55 -3.64 -5.25
C ALA D 40 11.94 -4.95 -4.51
N CYS D 41 11.38 -6.09 -4.95
CA CYS D 41 11.77 -7.42 -4.43
C CYS D 41 11.99 -8.45 -5.56
N PRO D 42 13.25 -8.57 -6.06
CA PRO D 42 13.45 -9.45 -7.24
C PRO D 42 13.36 -10.94 -6.91
N GLY D 43 12.72 -11.70 -7.82
CA GLY D 43 12.57 -13.14 -7.71
C GLY D 43 11.52 -13.64 -6.72
N SER D 44 10.77 -12.71 -6.11
CA SER D 44 9.76 -13.09 -5.14
C SER D 44 8.52 -13.70 -5.82
N ASN D 45 7.94 -14.67 -5.12
CA ASN D 45 6.67 -15.31 -5.50
C ASN D 45 5.64 -15.06 -4.39
N ILE D 46 5.97 -14.13 -3.48
CA ILE D 46 5.04 -13.60 -2.46
C ILE D 46 4.55 -12.18 -2.87
N THR D 47 5.48 -11.26 -3.13
CA THR D 47 5.09 -9.83 -3.31
C THR D 47 4.50 -9.58 -4.69
N ILE D 48 3.64 -8.57 -4.79
CA ILE D 48 3.08 -8.07 -6.06
C ILE D 48 4.13 -7.08 -6.53
N ARG D 49 4.63 -7.28 -7.73
CA ARG D 49 5.77 -6.51 -8.24
C ARG D 49 5.54 -5.02 -8.13
N ASN D 50 6.46 -4.34 -7.49
CA ASN D 50 6.46 -2.89 -7.39
C ASN D 50 7.83 -2.32 -7.83
N GLN D 51 7.89 -1.06 -8.24
CA GLN D 51 9.15 -0.40 -8.71
C GLN D 51 9.70 0.54 -7.64
N ILE D 52 10.89 1.04 -7.87
CA ILE D 52 11.66 1.84 -6.91
C ILE D 52 11.75 3.29 -7.38
N ASN D 53 11.70 4.19 -6.40
CA ASN D 53 12.04 5.61 -6.59
C ASN D 53 13.41 5.85 -6.03
N ALA D 54 14.39 6.14 -6.89
CA ALA D 54 15.78 6.29 -6.51
C ALA D 54 16.04 7.69 -5.92
N LEU D 55 15.02 8.58 -5.99
CA LEU D 55 15.13 9.96 -5.59
C LEU D 55 14.25 10.34 -4.36
N THR D 56 14.45 11.53 -3.79
CA THR D 56 13.60 11.96 -2.70
C THR D 56 12.35 12.52 -3.33
N SER D 57 11.20 12.06 -2.86
CA SER D 57 9.91 12.52 -3.39
C SER D 57 9.71 14.01 -3.16
N PHE D 58 10.31 14.55 -2.11
CA PHE D 58 10.22 15.97 -1.73
C PHE D 58 10.72 16.94 -2.81
N VAL D 59 10.05 18.08 -2.87
CA VAL D 59 10.45 19.21 -3.68
C VAL D 59 11.54 19.90 -2.90
N ASP D 60 12.76 19.33 -2.98
CA ASP D 60 13.88 19.70 -2.17
C ASP D 60 15.17 19.97 -2.98
N ALA D 61 15.03 20.21 -4.30
CA ALA D 61 16.14 20.39 -5.25
C ALA D 61 17.16 19.23 -5.24
N SER D 62 16.66 18.00 -5.14
CA SER D 62 17.53 16.83 -5.14
C SER D 62 18.19 16.59 -6.53
N MET D 63 17.63 17.18 -7.57
CA MET D 63 18.25 17.17 -8.90
C MET D 63 19.55 18.00 -8.95
N VAL D 64 19.66 19.00 -8.06
CA VAL D 64 20.86 19.81 -7.86
C VAL D 64 21.82 19.07 -6.85
N TYR D 65 21.29 18.58 -5.70
CA TYR D 65 22.15 18.14 -4.54
C TYR D 65 22.42 16.64 -4.45
N GLY D 66 21.57 15.87 -5.14
CA GLY D 66 21.56 14.43 -5.09
C GLY D 66 20.67 13.83 -4.01
N SER D 67 20.35 12.53 -4.14
CA SER D 67 19.51 11.75 -3.23
C SER D 67 20.24 10.71 -2.40
N GLU D 68 21.54 10.52 -2.63
CA GLU D 68 22.38 9.51 -1.93
C GLU D 68 23.72 10.14 -1.50
N GLU D 69 24.23 9.69 -0.36
CA GLU D 69 25.35 10.34 0.36
C GLU D 69 26.64 10.49 -0.44
N PRO D 70 27.06 9.44 -1.17
CA PRO D 70 28.37 9.55 -1.86
C PRO D 70 28.30 10.57 -3.03
N LEU D 71 27.29 10.46 -3.89
CA LEU D 71 27.02 11.53 -4.88
C LEU D 71 27.06 12.93 -4.26
N ALA D 72 26.30 13.15 -3.18
CA ALA D 72 26.10 14.49 -2.57
C ALA D 72 27.37 15.18 -2.11
N ARG D 73 28.29 14.40 -1.51
CA ARG D 73 29.60 14.92 -1.15
C ARG D 73 30.48 15.16 -2.39
N ASN D 74 30.40 14.30 -3.41
CA ASN D 74 31.18 14.46 -4.65
C ASN D 74 30.71 15.64 -5.55
N LEU D 75 29.51 16.13 -5.30
CA LEU D 75 28.95 17.31 -5.98
C LEU D 75 29.40 18.61 -5.30
N ARG D 76 30.10 18.49 -4.18
CA ARG D 76 30.50 19.67 -3.38
C ARG D 76 31.96 19.95 -3.59
N ASN D 77 32.32 21.23 -3.46
CA ASN D 77 33.71 21.69 -3.55
C ASN D 77 34.31 21.57 -2.14
N MET D 78 35.07 20.51 -1.94
CA MET D 78 35.68 20.27 -0.62
C MET D 78 37.13 20.80 -0.56
N SER D 79 37.47 21.71 -1.47
CA SER D 79 38.80 22.33 -1.47
C SER D 79 38.95 23.61 -0.63
N ASN D 80 37.85 24.07 -0.02
CA ASN D 80 37.77 25.28 0.83
C ASN D 80 36.55 25.17 1.78
N GLN D 81 36.28 26.22 2.56
CA GLN D 81 35.16 26.33 3.51
C GLN D 81 34.12 27.40 3.06
N LEU D 82 33.92 27.45 1.74
CA LEU D 82 33.01 28.38 1.10
C LEU D 82 31.60 27.80 0.84
N GLY D 83 31.40 26.50 1.06
CA GLY D 83 30.06 25.87 0.97
C GLY D 83 29.52 25.75 -0.45
N LEU D 84 30.42 25.52 -1.41
CA LEU D 84 30.06 25.54 -2.82
C LEU D 84 29.85 24.14 -3.35
N LEU D 85 29.09 24.10 -4.45
CA LEU D 85 29.00 22.97 -5.36
C LEU D 85 30.21 23.01 -6.29
N ALA D 86 30.76 21.84 -6.63
CA ALA D 86 31.86 21.74 -7.60
C ALA D 86 31.47 22.19 -9.03
N VAL D 87 32.39 22.88 -9.69
CA VAL D 87 32.14 23.44 -11.03
C VAL D 87 33.07 22.81 -12.06
N ASN D 88 32.70 22.86 -13.34
CA ASN D 88 33.55 22.33 -14.40
C ASN D 88 34.99 22.85 -14.26
N GLN D 89 35.95 21.94 -14.37
CA GLN D 89 37.37 22.23 -14.17
C GLN D 89 38.09 22.47 -15.49
N ARG D 90 37.39 22.27 -16.60
CA ARG D 90 37.98 22.41 -17.93
C ARG D 90 37.30 23.49 -18.78
N PHE D 91 36.07 23.88 -18.45
CA PHE D 91 35.30 24.83 -19.26
C PHE D 91 34.44 25.79 -18.39
N GLN D 92 34.15 26.97 -18.94
CA GLN D 92 33.32 28.03 -18.35
C GLN D 92 32.51 28.69 -19.49
N ASP D 93 31.31 29.15 -19.18
CA ASP D 93 30.38 29.81 -20.13
C ASP D 93 30.51 31.32 -20.04
N ASN D 94 31.36 31.89 -20.91
CA ASN D 94 31.78 33.30 -20.86
C ASN D 94 32.05 33.71 -19.43
N GLY D 95 32.93 32.95 -18.78
CA GLY D 95 33.34 33.20 -17.42
C GLY D 95 32.36 32.79 -16.34
N ARG D 96 31.29 32.08 -16.71
CA ARG D 96 30.32 31.63 -15.72
C ARG D 96 30.32 30.12 -15.63
N ALA D 97 30.04 29.59 -14.43
CA ALA D 97 30.20 28.19 -14.10
C ALA D 97 29.34 27.25 -14.96
N LEU D 98 29.90 26.10 -15.30
CA LEU D 98 29.16 24.96 -15.89
C LEU D 98 29.17 23.81 -14.87
N LEU D 99 28.38 22.77 -15.13
CA LEU D 99 28.42 21.56 -14.31
C LEU D 99 29.73 20.79 -14.50
N PRO D 100 30.21 20.09 -13.45
CA PRO D 100 31.36 19.19 -13.70
C PRO D 100 31.03 18.05 -14.68
N PHE D 101 32.06 17.44 -15.25
CA PHE D 101 31.88 16.31 -16.15
C PHE D 101 31.72 15.05 -15.33
N ASP D 102 30.91 14.12 -15.81
CA ASP D 102 30.79 12.84 -15.18
C ASP D 102 31.79 11.90 -15.82
N ASN D 103 32.08 10.82 -15.10
CA ASN D 103 32.89 9.71 -15.59
C ASN D 103 32.04 8.43 -15.65
N LEU D 104 31.37 8.21 -16.78
CA LEU D 104 30.57 7.01 -17.00
C LEU D 104 31.41 5.99 -17.78
N HIS D 105 30.91 4.77 -17.92
CA HIS D 105 31.64 3.74 -18.70
C HIS D 105 31.19 3.69 -20.18
N ASP D 106 29.92 3.96 -20.46
CA ASP D 106 29.43 3.97 -21.85
C ASP D 106 28.70 5.27 -22.16
N ASP D 107 29.41 6.38 -21.94
CA ASP D 107 28.88 7.74 -21.94
C ASP D 107 28.16 8.07 -23.27
N PRO D 108 26.82 8.24 -23.24
CA PRO D 108 26.08 8.50 -24.48
C PRO D 108 26.36 9.88 -25.07
N CYS D 109 26.70 10.85 -24.23
CA CYS D 109 26.96 12.22 -24.71
C CYS D 109 28.13 12.29 -25.70
N LEU D 110 29.15 11.44 -25.50
CA LEU D 110 30.26 11.27 -26.45
C LEU D 110 29.78 10.80 -27.85
N LEU D 111 28.74 9.98 -27.88
CA LEU D 111 28.24 9.37 -29.12
C LEU D 111 27.48 10.39 -29.98
N THR D 112 27.06 11.51 -29.39
CA THR D 112 26.31 12.52 -30.10
C THR D 112 27.17 13.37 -31.04
N ASN D 113 28.47 13.43 -30.74
CA ASN D 113 29.48 14.11 -31.56
C ASN D 113 30.85 13.56 -31.22
N ARG D 114 31.33 12.63 -32.03
CA ARG D 114 32.60 11.95 -31.74
C ARG D 114 33.79 12.91 -31.79
N SER D 115 33.65 13.98 -32.58
CA SER D 115 34.71 15.00 -32.76
C SER D 115 34.92 15.95 -31.56
N ALA D 116 33.84 16.42 -30.95
CA ALA D 116 33.91 17.30 -29.77
C ALA D 116 34.46 16.64 -28.47
N ARG D 117 34.21 15.35 -28.27
CA ARG D 117 34.66 14.57 -27.07
C ARG D 117 34.23 15.19 -25.73
N ILE D 118 32.99 15.69 -25.69
CA ILE D 118 32.44 16.30 -24.49
C ILE D 118 31.54 15.28 -23.75
N PRO D 119 31.96 14.84 -22.55
CA PRO D 119 31.16 13.86 -21.82
C PRO D 119 29.94 14.44 -21.15
N CYS D 120 29.11 13.56 -20.59
CA CYS D 120 27.92 13.98 -19.90
C CYS D 120 28.29 14.76 -18.65
N PHE D 121 27.36 15.60 -18.21
CA PHE D 121 27.55 16.41 -17.02
C PHE D 121 27.16 15.63 -15.76
N LEU D 122 27.82 15.96 -14.64
CA LEU D 122 27.54 15.38 -13.33
C LEU D 122 26.71 16.36 -12.48
N ALA D 123 25.47 15.94 -12.20
CA ALA D 123 24.56 16.65 -11.31
C ALA D 123 23.89 15.68 -10.28
N GLY D 124 22.95 16.20 -9.46
CA GLY D 124 22.19 15.43 -8.48
C GLY D 124 21.29 14.33 -9.05
N ASP D 125 20.85 14.49 -10.31
CA ASP D 125 20.01 13.49 -10.99
C ASP D 125 20.79 13.06 -12.23
N THR D 126 20.63 11.79 -12.63
CA THR D 126 21.43 11.17 -13.72
C THR D 126 21.06 11.61 -15.17
N ARG D 127 19.95 12.34 -15.31
CA ARG D 127 19.43 12.70 -16.61
C ARG D 127 19.72 14.16 -17.04
N SER D 128 20.61 14.85 -16.31
CA SER D 128 20.85 16.28 -16.51
C SER D 128 21.25 16.72 -17.95
N SER D 129 21.78 15.77 -18.71
CA SER D 129 22.35 16.02 -20.03
C SER D 129 21.36 15.61 -21.14
N GLU D 130 20.22 14.99 -20.76
CA GLU D 130 19.23 14.47 -21.70
C GLU D 130 18.84 15.42 -22.86
N MET D 131 18.62 16.71 -22.54
CA MET D 131 18.47 17.78 -23.54
C MET D 131 19.17 19.06 -23.03
N PRO D 132 19.76 19.87 -23.93
CA PRO D 132 20.56 21.00 -23.41
C PRO D 132 19.78 22.06 -22.67
N GLU D 133 18.46 22.14 -22.94
CA GLU D 133 17.53 23.02 -22.20
C GLU D 133 17.44 22.60 -20.71
N LEU D 134 17.47 21.30 -20.46
CA LEU D 134 17.48 20.74 -19.11
C LEU D 134 18.81 21.02 -18.44
N THR D 135 19.90 20.73 -19.14
CA THR D 135 21.27 21.07 -18.69
C THR D 135 21.37 22.55 -18.27
N SER D 136 20.71 23.43 -19.03
CA SER D 136 20.70 24.86 -18.76
C SER D 136 19.99 25.16 -17.46
N MET D 137 18.94 24.42 -17.15
CA MET D 137 18.21 24.66 -15.93
C MET D 137 19.04 24.18 -14.72
N HIS D 138 19.72 23.05 -14.87
CA HIS D 138 20.58 22.46 -13.84
C HIS D 138 21.77 23.39 -13.55
N THR D 139 22.39 23.91 -14.60
CA THR D 139 23.52 24.82 -14.51
C THR D 139 23.10 26.11 -13.82
N LEU D 140 21.92 26.62 -14.13
CA LEU D 140 21.38 27.79 -13.47
C LEU D 140 21.28 27.65 -11.95
N LEU D 141 20.73 26.51 -11.51
CA LEU D 141 20.53 26.27 -10.09
C LEU D 141 21.86 25.97 -9.34
N LEU D 142 22.85 25.40 -10.04
CA LEU D 142 24.23 25.25 -9.52
C LEU D 142 24.83 26.64 -9.19
N ARG D 143 24.67 27.56 -10.15
CA ARG D 143 25.11 28.97 -10.01
C ARG D 143 24.40 29.70 -8.92
N GLU D 144 23.07 29.57 -8.84
CA GLU D 144 22.35 30.19 -7.73
C GLU D 144 22.84 29.71 -6.35
N HIS D 145 23.15 28.41 -6.21
CA HIS D 145 23.73 27.90 -4.95
C HIS D 145 24.99 28.66 -4.64
N ASN D 146 25.87 28.69 -5.63
CA ASN D 146 27.17 29.28 -5.46
C ASN D 146 27.12 30.76 -5.12
N ARG D 147 26.17 31.50 -5.71
CA ARG D 147 25.88 32.94 -5.42
C ARG D 147 25.36 33.16 -4.02
N LEU D 148 24.43 32.31 -3.60
CA LEU D 148 23.84 32.47 -2.27
C LEU D 148 24.86 32.11 -1.20
N ALA D 149 25.68 31.10 -1.46
CA ALA D 149 26.74 30.72 -0.54
C ALA D 149 27.74 31.86 -0.34
N THR D 150 28.09 32.53 -1.43
CA THR D 150 29.00 33.71 -1.39
C THR D 150 28.43 34.84 -0.54
N GLU D 151 27.20 35.28 -0.80
CA GLU D 151 26.57 36.29 0.05
C GLU D 151 26.43 35.90 1.52
N LEU D 152 26.14 34.62 1.77
CA LEU D 152 26.01 34.15 3.15
C LEU D 152 27.37 34.21 3.88
N LYS D 153 28.46 33.99 3.16
CA LYS D 153 29.81 34.05 3.73
C LYS D 153 30.16 35.52 4.09
N SER D 154 29.64 36.49 3.32
CA SER D 154 29.77 37.93 3.64
C SER D 154 28.84 38.45 4.74
N LEU D 155 27.60 37.96 4.73
CA LEU D 155 26.61 38.30 5.75
C LEU D 155 26.94 37.67 7.11
N ASN D 156 27.57 36.49 7.09
CA ASN D 156 27.88 35.74 8.31
C ASN D 156 29.31 35.16 8.26
N PRO D 157 30.30 35.92 8.75
CA PRO D 157 31.70 35.45 8.62
C PRO D 157 32.03 34.23 9.46
N ARG D 158 31.31 34.05 10.57
CA ARG D 158 31.51 32.92 11.48
C ARG D 158 31.08 31.52 10.94
N TRP D 159 30.22 31.53 9.91
CA TRP D 159 29.68 30.32 9.25
C TRP D 159 30.72 29.51 8.47
N ASP D 160 30.83 28.22 8.79
CA ASP D 160 31.80 27.36 8.12
C ASP D 160 31.21 26.75 6.84
N GLY D 161 32.03 26.01 6.11
CA GLY D 161 31.68 25.30 4.87
C GLY D 161 30.37 24.55 4.90
N GLU D 162 30.20 23.70 5.92
CA GLU D 162 28.96 22.89 6.09
C GLU D 162 27.75 23.77 6.29
N ARG D 163 27.88 24.81 7.10
CA ARG D 163 26.77 25.76 7.37
C ARG D 163 26.39 26.52 6.09
N LEU D 164 27.39 26.89 5.30
CA LEU D 164 27.16 27.73 4.12
C LEU D 164 26.40 26.88 3.10
N TYR D 165 26.85 25.64 2.87
CA TYR D 165 26.25 24.74 1.87
C TYR D 165 24.76 24.43 2.26
N GLN D 166 24.55 24.09 3.54
CA GLN D 166 23.24 23.70 3.99
C GLN D 166 22.29 24.89 3.90
N GLU D 167 22.72 26.11 4.34
CA GLU D 167 21.83 27.26 4.27
C GLU D 167 21.51 27.66 2.84
N ALA D 168 22.48 27.46 1.96
CA ALA D 168 22.28 27.81 0.55
C ALA D 168 21.39 26.77 -0.12
N ARG D 169 21.55 25.52 0.28
CA ARG D 169 20.71 24.38 -0.17
C ARG D 169 19.26 24.53 0.25
N LYS D 170 19.04 25.05 1.45
CA LYS D 170 17.70 25.25 1.96
C LYS D 170 16.96 26.33 1.20
N ILE D 171 17.66 27.40 0.84
CA ILE D 171 17.06 28.49 0.10
C ILE D 171 16.69 28.00 -1.29
N VAL D 172 17.64 27.33 -1.97
CA VAL D 172 17.43 26.87 -3.35
C VAL D 172 16.18 25.98 -3.43
N GLY D 173 16.09 24.99 -2.53
CA GLY D 173 14.91 24.14 -2.38
C GLY D 173 13.59 24.90 -2.20
N ALA D 174 13.59 25.94 -1.37
CA ALA D 174 12.38 26.78 -1.19
C ALA D 174 12.01 27.48 -2.47
N MET D 175 13.03 27.96 -3.21
CA MET D 175 12.80 28.59 -4.51
C MET D 175 12.16 27.60 -5.49
N VAL D 176 12.56 26.34 -5.44
CA VAL D 176 11.94 25.37 -6.36
C VAL D 176 10.46 25.19 -5.94
N GLN D 177 10.19 25.22 -4.63
CA GLN D 177 8.85 25.02 -4.08
C GLN D 177 7.93 26.19 -4.38
N ILE D 178 8.49 27.41 -4.30
CA ILE D 178 7.76 28.61 -4.62
C ILE D 178 7.42 28.72 -6.11
N ILE D 179 8.41 28.54 -6.97
CA ILE D 179 8.15 28.60 -8.43
C ILE D 179 7.11 27.48 -8.81
N THR D 180 7.30 26.29 -8.26
CA THR D 180 6.39 25.15 -8.59
C THR D 180 4.93 25.36 -8.20
N TYR D 181 4.70 25.75 -6.95
CA TYR D 181 3.34 25.81 -6.41
C TYR D 181 2.70 27.19 -6.69
N ARG D 182 3.50 28.26 -6.82
CA ARG D 182 2.96 29.59 -7.09
C ARG D 182 2.78 29.87 -8.58
N ASP D 183 3.80 29.54 -9.39
CA ASP D 183 3.82 29.86 -10.83
C ASP D 183 3.46 28.68 -11.76
N TYR D 184 4.09 27.52 -11.57
CA TYR D 184 3.92 26.36 -12.46
C TYR D 184 2.56 25.65 -12.36
N LEU D 185 2.21 25.19 -11.16
CA LEU D 185 1.04 24.34 -10.97
C LEU D 185 -0.33 24.95 -11.30
N PRO D 186 -0.57 26.27 -11.02
CA PRO D 186 -1.85 26.83 -11.39
C PRO D 186 -2.08 26.77 -12.91
N LEU D 187 -1.01 26.85 -13.68
CA LEU D 187 -1.03 26.81 -15.15
C LEU D 187 -1.16 25.40 -15.73
N VAL D 188 -0.75 24.39 -14.96
CA VAL D 188 -0.97 22.98 -15.27
C VAL D 188 -2.42 22.58 -15.04
N LEU D 189 -2.93 22.90 -13.83
CA LEU D 189 -4.17 22.38 -13.35
C LEU D 189 -5.39 23.22 -13.70
N GLY D 190 -5.21 24.55 -13.77
CA GLY D 190 -6.30 25.51 -14.04
C GLY D 190 -6.87 25.94 -12.70
N PRO D 191 -7.68 27.00 -12.64
CA PRO D 191 -8.11 27.44 -11.29
C PRO D 191 -9.06 26.48 -10.57
N THR D 192 -9.99 25.87 -11.32
CA THR D 192 -11.02 25.02 -10.70
C THR D 192 -10.39 23.79 -10.03
N ALA D 193 -9.35 23.20 -10.63
CA ALA D 193 -8.66 22.03 -10.08
C ALA D 193 -7.55 22.42 -9.07
N MET D 194 -7.00 23.60 -9.22
CA MET D 194 -6.08 24.15 -8.20
C MET D 194 -6.79 24.31 -6.84
N ARG D 195 -7.96 24.94 -6.86
CA ARG D 195 -8.76 25.18 -5.68
C ARG D 195 -9.23 23.88 -5.08
N LYS D 196 -9.51 22.89 -5.93
CA LYS D 196 -10.09 21.65 -5.46
C LYS D 196 -8.97 20.75 -4.86
N TYR D 197 -7.82 20.63 -5.53
CA TYR D 197 -6.75 19.72 -5.08
C TYR D 197 -5.64 20.36 -4.28
N LEU D 198 -5.45 21.68 -4.42
CA LEU D 198 -4.39 22.38 -3.69
C LEU D 198 -4.91 23.60 -2.94
N PRO D 199 -5.79 23.38 -1.95
CA PRO D 199 -6.31 24.52 -1.21
C PRO D 199 -5.22 25.13 -0.35
N THR D 200 -5.43 26.37 0.07
CA THR D 200 -4.46 27.15 0.85
C THR D 200 -3.77 26.28 1.92
N TYR D 201 -2.44 26.39 1.95
CA TYR D 201 -1.62 25.62 2.90
C TYR D 201 -2.03 25.99 4.34
N ARG D 202 -2.23 24.98 5.19
CA ARG D 202 -2.46 25.22 6.64
C ARG D 202 -1.16 25.04 7.44
N SER D 203 -0.71 23.79 7.59
CA SER D 203 0.61 23.48 8.16
C SER D 203 0.91 21.97 7.98
N TYR D 204 2.13 21.59 8.32
CA TYR D 204 2.61 20.25 8.26
C TYR D 204 1.67 19.26 8.99
N ASN D 205 1.30 18.22 8.28
CA ASN D 205 0.51 17.12 8.83
C ASN D 205 1.34 15.83 8.62
N ASP D 206 1.86 15.28 9.73
CA ASP D 206 2.73 14.08 9.71
C ASP D 206 2.05 12.74 9.34
N SER D 207 0.77 12.81 9.02
CA SER D 207 -0.09 11.67 8.63
C SER D 207 -0.40 11.66 7.14
N VAL D 208 0.17 12.62 6.39
CA VAL D 208 0.01 12.72 4.95
C VAL D 208 1.25 12.03 4.33
N ASP D 209 1.05 10.86 3.70
CA ASP D 209 2.08 10.05 3.03
C ASP D 209 2.72 10.82 1.86
N PRO D 210 4.02 11.14 1.94
CA PRO D 210 4.62 11.97 0.88
C PRO D 210 5.25 11.24 -0.27
N ARG D 211 5.11 9.92 -0.32
CA ARG D 211 5.69 9.09 -1.37
C ARG D 211 5.10 9.40 -2.73
N ILE D 212 5.91 9.28 -3.78
CA ILE D 212 5.39 9.39 -5.15
C ILE D 212 4.58 8.13 -5.39
N ALA D 213 3.34 8.25 -5.86
CA ALA D 213 2.55 7.09 -6.28
C ALA D 213 3.05 6.58 -7.62
N ASN D 214 2.99 5.26 -7.80
CA ASN D 214 3.42 4.63 -9.06
C ASN D 214 2.74 5.26 -10.28
N VAL D 215 1.41 5.51 -10.20
CA VAL D 215 0.69 6.16 -11.32
C VAL D 215 1.29 7.52 -11.72
N PHE D 216 1.83 8.26 -10.74
CA PHE D 216 2.33 9.62 -11.00
C PHE D 216 3.49 9.61 -11.99
N THR D 217 4.37 8.61 -11.88
CA THR D 217 5.56 8.50 -12.73
C THR D 217 5.17 8.39 -14.19
N ASN D 218 3.94 7.95 -14.42
CA ASN D 218 3.36 7.88 -15.75
C ASN D 218 2.41 9.09 -16.13
N ALA D 219 1.51 9.50 -15.22
CA ALA D 219 0.62 10.59 -15.46
C ALA D 219 1.37 11.92 -15.74
N PHE D 220 2.38 12.21 -14.94
CA PHE D 220 3.11 13.45 -15.03
C PHE D 220 3.85 13.54 -16.37
N ARG D 221 3.95 12.41 -17.08
CA ARG D 221 4.54 12.36 -18.45
C ARG D 221 3.64 13.06 -19.46
N TYR D 222 2.58 13.72 -18.92
CA TYR D 222 1.68 14.55 -19.73
C TYR D 222 2.53 15.59 -20.46
N GLY D 223 3.66 15.94 -19.84
CA GLY D 223 4.60 16.93 -20.37
C GLY D 223 5.16 16.64 -21.74
N HIS D 224 5.09 15.37 -22.15
CA HIS D 224 5.61 15.01 -23.39
C HIS D 224 4.76 15.62 -24.50
N THR D 225 3.54 16.06 -24.19
CA THR D 225 2.65 16.70 -25.16
C THR D 225 2.98 18.18 -25.42
N LEU D 226 3.83 18.73 -24.57
CA LEU D 226 4.25 20.15 -24.61
C LEU D 226 5.53 20.42 -25.37
N ILE D 227 6.15 19.33 -25.84
CA ILE D 227 7.48 19.33 -26.45
C ILE D 227 7.43 19.76 -27.93
N GLN D 228 8.22 20.78 -28.22
CA GLN D 228 8.39 21.39 -29.56
C GLN D 228 9.43 20.53 -30.29
N PRO D 229 9.37 20.42 -31.63
CA PRO D 229 10.32 19.51 -32.33
C PRO D 229 11.74 20.08 -32.53
N PHE D 230 12.02 21.22 -31.93
CA PHE D 230 13.33 21.88 -32.04
C PHE D 230 13.81 22.40 -30.69
N MET D 231 15.11 22.60 -30.57
CA MET D 231 15.71 23.48 -29.58
C MET D 231 15.95 24.86 -30.22
N PHE D 232 15.43 25.91 -29.57
CA PHE D 232 15.48 27.29 -30.08
C PHE D 232 16.50 28.15 -29.31
N ARG D 233 17.48 28.68 -30.02
CA ARG D 233 18.51 29.55 -29.44
C ARG D 233 18.45 30.95 -30.02
N LEU D 234 18.45 31.91 -29.11
CA LEU D 234 18.33 33.30 -29.42
C LEU D 234 19.48 34.14 -28.80
N ASP D 235 19.99 35.15 -29.54
CA ASP D 235 21.04 36.06 -29.05
C ASP D 235 20.45 37.18 -28.17
N ASN D 236 21.27 38.16 -27.78
CA ASN D 236 20.86 39.20 -26.83
C ASN D 236 19.76 40.16 -27.26
N ARG D 237 19.39 40.14 -28.53
CA ARG D 237 18.23 40.88 -29.01
C ARG D 237 17.02 39.97 -29.21
N TYR D 238 17.07 38.77 -28.62
CA TYR D 238 16.04 37.72 -28.76
C TYR D 238 15.73 37.27 -30.19
N GLN D 239 16.63 37.56 -31.11
CA GLN D 239 16.42 37.17 -32.51
C GLN D 239 17.19 35.87 -32.78
N PRO D 240 16.82 35.13 -33.83
CA PRO D 240 17.46 33.85 -34.09
C PRO D 240 18.98 33.90 -34.04
N MET D 241 19.61 32.95 -33.33
CA MET D 241 21.07 32.83 -33.31
C MET D 241 21.61 31.91 -34.42
N GLU D 242 22.30 32.49 -35.40
CA GLU D 242 22.79 31.73 -36.57
C GLU D 242 24.15 31.09 -36.29
N PRO D 243 24.56 30.07 -37.07
CA PRO D 243 23.94 29.49 -38.26
C PRO D 243 22.87 28.40 -38.01
N ASN D 244 22.53 28.13 -36.75
CA ASN D 244 21.57 27.07 -36.39
C ASN D 244 20.61 27.53 -35.27
N PRO D 245 19.61 28.36 -35.63
CA PRO D 245 18.63 28.86 -34.68
C PRO D 245 17.65 27.80 -34.15
N ARG D 246 17.24 26.85 -35.00
CA ARG D 246 16.31 25.76 -34.67
C ARG D 246 16.90 24.38 -34.96
N VAL D 247 17.50 23.76 -33.95
CA VAL D 247 18.10 22.44 -34.13
C VAL D 247 17.02 21.38 -33.84
N PRO D 248 16.87 20.38 -34.73
CA PRO D 248 15.88 19.33 -34.47
C PRO D 248 16.20 18.52 -33.23
N LEU D 249 15.18 18.23 -32.42
CA LEU D 249 15.38 17.55 -31.11
C LEU D 249 16.23 16.28 -31.17
N SER D 250 16.10 15.50 -32.23
CA SER D 250 16.83 14.25 -32.41
C SER D 250 18.36 14.44 -32.54
N ARG D 251 18.84 15.68 -32.62
CA ARG D 251 20.27 15.93 -32.62
C ARG D 251 20.71 16.77 -31.40
N VAL D 252 19.81 16.96 -30.43
CA VAL D 252 20.16 17.62 -29.15
C VAL D 252 20.19 16.64 -27.96
N PHE D 253 19.62 15.43 -28.13
CA PHE D 253 19.52 14.50 -27.03
C PHE D 253 20.94 14.07 -26.57
N PHE D 254 21.23 14.33 -25.30
CA PHE D 254 22.58 14.13 -24.70
C PHE D 254 23.68 14.91 -25.45
N ALA D 255 23.28 15.99 -26.16
CA ALA D 255 24.23 16.82 -26.91
C ALA D 255 24.88 17.90 -26.00
N SER D 256 25.54 17.41 -24.96
CA SER D 256 26.19 18.26 -23.95
C SER D 256 27.23 19.20 -24.58
N TRP D 257 27.74 18.80 -25.74
CA TRP D 257 28.72 19.57 -26.47
C TRP D 257 28.18 20.91 -26.96
N ARG D 258 26.85 21.00 -27.14
CA ARG D 258 26.20 22.21 -27.59
C ARG D 258 26.18 23.32 -26.55
N VAL D 259 26.05 22.97 -25.29
CA VAL D 259 26.21 23.95 -24.24
C VAL D 259 27.68 24.41 -24.16
N VAL D 260 28.61 23.46 -24.17
CA VAL D 260 30.07 23.66 -24.03
C VAL D 260 30.69 24.41 -25.22
N LEU D 261 30.42 23.93 -26.44
CA LEU D 261 31.01 24.52 -27.68
C LEU D 261 30.06 25.23 -28.66
N GLU D 262 28.82 25.54 -28.29
CA GLU D 262 27.91 26.29 -29.18
C GLU D 262 27.13 27.45 -28.54
N GLY D 263 27.71 28.17 -27.59
CA GLY D 263 27.13 29.42 -27.08
C GLY D 263 26.80 29.51 -25.61
N GLY D 264 26.92 28.40 -24.86
CA GLY D 264 26.61 28.39 -23.42
C GLY D 264 25.13 28.23 -23.12
N ILE D 265 24.68 28.72 -21.96
CA ILE D 265 23.25 28.58 -21.52
C ILE D 265 22.34 29.80 -21.80
N ASP D 266 22.93 30.97 -21.99
CA ASP D 266 22.19 32.17 -22.31
C ASP D 266 21.26 32.01 -23.54
N PRO D 267 21.76 31.50 -24.68
CA PRO D 267 20.92 31.41 -25.87
C PRO D 267 19.79 30.38 -25.70
N ILE D 268 20.07 29.37 -24.88
CA ILE D 268 19.10 28.30 -24.61
C ILE D 268 18.02 28.82 -23.70
N LEU D 269 18.37 29.57 -22.65
CA LEU D 269 17.34 30.13 -21.75
C LEU D 269 16.45 31.16 -22.44
N ARG D 270 17.04 31.96 -23.32
CA ARG D 270 16.26 32.97 -24.04
C ARG D 270 15.21 32.27 -24.93
N GLY D 271 15.62 31.24 -25.65
CA GLY D 271 14.72 30.43 -26.47
C GLY D 271 13.56 29.80 -25.70
N LEU D 272 13.86 29.22 -24.54
CA LEU D 272 12.79 28.73 -23.63
C LEU D 272 11.79 29.81 -23.28
N MET D 273 12.30 30.99 -22.99
CA MET D 273 11.41 32.09 -22.58
C MET D 273 10.57 32.66 -23.72
N ALA D 274 11.14 32.73 -24.91
CA ALA D 274 10.52 33.50 -26.03
C ALA D 274 10.00 32.62 -27.19
N THR D 275 9.94 31.30 -26.94
CA THR D 275 9.26 30.34 -27.83
C THR D 275 8.03 29.73 -27.13
N PRO D 276 6.84 29.76 -27.77
CA PRO D 276 5.70 29.06 -27.19
C PRO D 276 5.89 27.52 -26.94
N ALA D 277 5.16 27.00 -25.97
CA ALA D 277 5.11 25.54 -25.78
C ALA D 277 4.32 24.95 -26.95
N LYS D 278 4.44 23.67 -27.18
CA LYS D 278 3.52 22.98 -28.10
C LYS D 278 2.23 22.81 -27.31
N LEU D 279 1.11 23.17 -27.92
CA LEU D 279 -0.21 22.91 -27.36
C LEU D 279 -0.69 21.47 -27.63
N ASN D 280 -1.15 20.80 -26.57
CA ASN D 280 -1.75 19.48 -26.69
C ASN D 280 -3.15 19.63 -27.27
N ARG D 281 -3.35 19.01 -28.43
CA ARG D 281 -4.67 18.93 -29.06
C ARG D 281 -5.02 17.46 -29.31
N GLN D 282 -6.28 17.10 -29.26
CA GLN D 282 -6.67 15.67 -29.39
C GLN D 282 -6.20 14.97 -30.68
N ASN D 283 -5.97 15.76 -31.73
CA ASN D 283 -5.39 15.22 -32.99
C ASN D 283 -3.94 15.62 -33.21
N GLN D 284 -3.33 16.21 -32.17
CA GLN D 284 -1.92 16.58 -32.19
C GLN D 284 -1.25 16.27 -30.84
N ILE D 285 -1.20 14.99 -30.48
CA ILE D 285 -0.71 14.61 -29.15
C ILE D 285 0.83 14.84 -28.94
N ALA D 286 1.68 14.19 -29.75
CA ALA D 286 3.12 14.27 -29.56
C ALA D 286 3.85 14.19 -30.86
N VAL D 287 4.90 15.00 -30.96
CA VAL D 287 5.66 15.18 -32.23
C VAL D 287 6.50 13.97 -32.57
N ASP D 288 6.82 13.80 -33.87
CA ASP D 288 7.65 12.71 -34.32
C ASP D 288 9.13 12.83 -33.91
N GLU D 289 9.61 14.04 -33.58
CA GLU D 289 10.97 14.15 -32.99
C GLU D 289 11.15 13.27 -31.75
N ILE D 290 10.09 13.07 -30.97
CA ILE D 290 10.12 12.13 -29.83
C ILE D 290 9.37 10.80 -30.12
N ARG D 291 8.42 10.80 -31.07
CA ARG D 291 7.64 9.57 -31.44
C ARG D 291 8.40 8.65 -32.42
N GLU D 292 9.33 9.22 -33.18
CA GLU D 292 10.06 8.47 -34.20
C GLU D 292 11.55 8.39 -33.98
N ARG D 293 12.16 9.46 -33.47
CA ARG D 293 13.60 9.65 -33.48
C ARG D 293 14.19 9.91 -32.09
N LEU D 294 13.45 9.54 -31.03
CA LEU D 294 13.98 9.70 -29.66
C LEU D 294 15.29 8.90 -29.51
N PHE D 295 16.32 9.58 -28.99
CA PHE D 295 17.68 9.07 -28.72
C PHE D 295 18.37 8.36 -29.92
N GLU D 296 17.96 8.75 -31.12
CA GLU D 296 18.43 8.15 -32.37
C GLU D 296 19.97 8.14 -32.48
N GLN D 297 20.61 9.21 -32.00
CA GLN D 297 22.07 9.34 -32.08
C GLN D 297 22.83 8.39 -31.18
N VAL D 298 22.20 8.01 -30.07
CA VAL D 298 22.91 7.27 -29.02
C VAL D 298 22.56 5.79 -28.98
N MET D 299 21.64 5.33 -29.82
CA MET D 299 21.38 3.88 -29.95
C MET D 299 21.00 3.43 -31.36
N ARG D 300 20.86 2.12 -31.54
CA ARG D 300 20.69 1.50 -32.87
C ARG D 300 19.42 1.89 -33.63
N ILE D 301 18.33 2.16 -32.92
CA ILE D 301 17.05 2.56 -33.50
C ILE D 301 16.45 3.73 -32.69
N GLY D 302 15.74 4.61 -33.37
CA GLY D 302 15.04 5.72 -32.74
C GLY D 302 13.89 5.20 -31.92
N LEU D 303 13.79 5.69 -30.68
CA LEU D 303 12.70 5.29 -29.76
C LEU D 303 11.36 6.02 -30.03
N ASP D 304 10.29 5.52 -29.42
CA ASP D 304 8.95 6.13 -29.51
C ASP D 304 8.51 6.37 -28.08
N LEU D 305 8.74 7.60 -27.58
CA LEU D 305 8.42 8.01 -26.21
C LEU D 305 6.95 7.80 -25.76
N PRO D 306 5.93 8.27 -26.50
CA PRO D 306 4.55 7.88 -26.15
C PRO D 306 4.30 6.35 -26.05
N ALA D 307 4.84 5.59 -26.99
CA ALA D 307 4.77 4.11 -26.94
C ALA D 307 5.55 3.56 -25.73
N LEU D 308 6.72 4.12 -25.45
CA LEU D 308 7.46 3.70 -24.24
C LEU D 308 6.60 3.99 -22.98
N ASN D 309 5.91 5.14 -22.97
CA ASN D 309 5.03 5.47 -21.85
C ASN D 309 3.98 4.37 -21.54
N MET D 310 3.37 3.83 -22.60
CA MET D 310 2.30 2.84 -22.53
C MET D 310 2.88 1.49 -22.14
N GLN D 311 4.03 1.17 -22.70
CA GLN D 311 4.73 -0.02 -22.31
C GLN D 311 5.13 0.04 -20.82
N ARG D 312 5.63 1.20 -20.34
CA ARG D 312 6.05 1.35 -18.96
C ARG D 312 4.85 1.16 -18.00
N SER D 313 3.68 1.66 -18.37
CA SER D 313 2.51 1.52 -17.53
C SER D 313 2.08 0.07 -17.30
N ARG D 314 2.20 -0.73 -18.36
CA ARG D 314 1.99 -2.17 -18.32
C ARG D 314 3.07 -2.86 -17.49
N ASP D 315 4.33 -2.46 -17.71
CA ASP D 315 5.51 -2.92 -16.95
C ASP D 315 5.29 -2.69 -15.47
N HIS D 316 4.70 -1.55 -15.15
CA HIS D 316 4.42 -1.15 -13.75
C HIS D 316 3.13 -1.73 -13.24
N GLY D 317 2.38 -2.44 -14.07
CA GLY D 317 1.12 -3.04 -13.68
C GLY D 317 0.07 -1.99 -13.30
N LEU D 318 0.05 -0.88 -14.03
CA LEU D 318 -0.91 0.19 -13.71
C LEU D 318 -2.31 -0.11 -14.26
N PRO D 319 -3.34 0.07 -13.43
CA PRO D 319 -4.67 -0.18 -13.92
C PRO D 319 -4.97 0.75 -15.09
N GLY D 320 -5.99 0.44 -15.85
CA GLY D 320 -6.42 1.30 -16.94
C GLY D 320 -7.31 2.50 -16.65
N TYR D 321 -7.69 3.17 -17.72
CA TYR D 321 -8.38 4.46 -17.70
C TYR D 321 -9.59 4.50 -16.76
N ASN D 322 -10.56 3.63 -16.96
CA ASN D 322 -11.79 3.63 -16.15
C ASN D 322 -11.50 3.40 -14.68
N ALA D 323 -10.51 2.53 -14.37
CA ALA D 323 -10.14 2.32 -12.99
C ALA D 323 -9.57 3.61 -12.31
N TRP D 324 -8.78 4.39 -13.04
CA TRP D 324 -8.28 5.66 -12.51
C TRP D 324 -9.33 6.75 -12.40
N ARG D 325 -10.29 6.77 -13.35
CA ARG D 325 -11.44 7.67 -13.35
C ARG D 325 -12.23 7.43 -12.09
N ARG D 326 -12.49 6.15 -11.81
CA ARG D 326 -13.21 5.73 -10.61
C ARG D 326 -12.46 6.13 -9.36
N PHE D 327 -11.13 5.99 -9.36
CA PHE D 327 -10.29 6.47 -8.23
C PHE D 327 -10.53 7.94 -7.94
N CYS D 328 -10.49 8.70 -9.00
CA CYS D 328 -10.67 10.15 -8.98
C CYS D 328 -12.13 10.58 -8.77
N GLY D 329 -13.06 9.64 -8.62
CA GLY D 329 -14.50 9.99 -8.55
C GLY D 329 -15.10 10.54 -9.85
N LEU D 330 -14.64 10.06 -10.99
CA LEU D 330 -15.12 10.56 -12.28
C LEU D 330 -15.82 9.46 -12.99
N PRO D 331 -16.91 9.76 -13.73
CA PRO D 331 -17.66 8.69 -14.43
C PRO D 331 -16.74 7.90 -15.34
N GLN D 332 -17.13 6.66 -15.63
CA GLN D 332 -16.32 5.70 -16.33
C GLN D 332 -17.11 5.27 -17.58
N PRO D 333 -16.75 5.80 -18.76
CA PRO D 333 -17.47 5.42 -19.95
C PRO D 333 -17.27 3.97 -20.38
N GLU D 334 -18.37 3.31 -20.79
CA GLU D 334 -18.29 1.89 -21.19
C GLU D 334 -18.49 1.66 -22.67
N THR D 335 -19.15 2.58 -23.33
CA THR D 335 -19.43 2.44 -24.73
C THR D 335 -18.68 3.52 -25.50
N VAL D 336 -18.55 3.34 -26.81
CA VAL D 336 -17.86 4.34 -27.63
C VAL D 336 -18.52 5.71 -27.52
N GLY D 337 -19.87 5.73 -27.49
CA GLY D 337 -20.67 6.96 -27.37
C GLY D 337 -20.44 7.69 -26.04
N GLN D 338 -20.39 6.95 -24.93
CA GLN D 338 -20.08 7.55 -23.61
C GLN D 338 -18.65 8.09 -23.58
N LEU D 339 -17.71 7.32 -24.18
CA LEU D 339 -16.31 7.74 -24.29
C LEU D 339 -16.24 9.02 -25.13
N GLY D 340 -17.13 9.13 -26.12
CA GLY D 340 -17.26 10.27 -27.01
C GLY D 340 -17.68 11.54 -26.31
N THR D 341 -18.67 11.44 -25.43
CA THR D 341 -19.13 12.54 -24.57
C THR D 341 -18.03 12.99 -23.60
N VAL D 342 -17.37 12.04 -22.94
CA VAL D 342 -16.36 12.34 -21.91
C VAL D 342 -15.18 13.05 -22.57
N LEU D 343 -14.76 12.56 -23.73
CA LEU D 343 -13.71 13.23 -24.54
C LEU D 343 -14.18 14.49 -25.29
N ARG D 344 -15.51 14.68 -25.43
CA ARG D 344 -16.07 15.69 -26.34
C ARG D 344 -15.47 15.51 -27.74
N ASN D 345 -15.26 14.24 -28.12
CA ASN D 345 -14.60 13.88 -29.38
C ASN D 345 -14.87 12.40 -29.76
N LEU D 346 -15.92 12.17 -30.52
CA LEU D 346 -16.31 10.81 -30.90
C LEU D 346 -15.26 10.19 -31.86
N LYS D 347 -14.70 11.00 -32.74
CA LYS D 347 -13.72 10.47 -33.67
C LYS D 347 -12.55 9.80 -32.92
N LEU D 348 -12.04 10.48 -31.89
CA LEU D 348 -10.98 9.95 -31.05
C LEU D 348 -11.43 8.76 -30.18
N ALA D 349 -12.63 8.87 -29.62
CA ALA D 349 -13.23 7.71 -28.88
C ALA D 349 -13.29 6.47 -29.75
N ARG D 350 -13.64 6.63 -31.03
CA ARG D 350 -13.63 5.47 -31.98
C ARG D 350 -12.25 4.86 -32.22
N LYS D 351 -11.22 5.70 -32.41
CA LYS D 351 -9.86 5.19 -32.57
C LYS D 351 -9.45 4.40 -31.34
N LEU D 352 -9.66 5.01 -30.16
CA LEU D 352 -9.34 4.38 -28.86
C LEU D 352 -10.11 3.04 -28.68
N MET D 353 -11.38 3.02 -29.03
CA MET D 353 -12.17 1.76 -28.98
C MET D 353 -11.63 0.67 -29.94
N GLU D 354 -11.19 1.04 -31.14
CA GLU D 354 -10.68 0.03 -32.09
C GLU D 354 -9.37 -0.54 -31.58
N GLN D 355 -8.55 0.32 -30.98
CA GLN D 355 -7.27 -0.11 -30.41
C GLN D 355 -7.48 -0.95 -29.17
N TYR D 356 -8.28 -0.43 -28.25
CA TYR D 356 -8.36 -1.02 -26.90
C TYR D 356 -9.57 -1.95 -26.62
N GLY D 357 -10.63 -1.86 -27.44
CA GLY D 357 -11.76 -2.80 -27.29
C GLY D 357 -12.77 -2.26 -26.30
N THR D 358 -12.26 -1.73 -25.19
CA THR D 358 -13.01 -1.20 -24.12
C THR D 358 -12.24 -0.05 -23.43
N PRO D 359 -12.95 0.97 -22.94
CA PRO D 359 -12.24 2.06 -22.21
C PRO D 359 -11.59 1.61 -20.89
N ASN D 360 -11.95 0.46 -20.38
CA ASN D 360 -11.31 -0.10 -19.24
C ASN D 360 -9.83 -0.32 -19.51
N ASN D 361 -9.48 -0.72 -20.72
CA ASN D 361 -8.11 -1.09 -21.11
C ASN D 361 -7.20 0.07 -21.61
N ILE D 362 -7.74 1.26 -21.78
CA ILE D 362 -6.95 2.41 -22.28
C ILE D 362 -5.82 2.64 -21.26
N ASP D 363 -4.57 2.65 -21.72
CA ASP D 363 -3.42 2.90 -20.86
C ASP D 363 -3.51 4.31 -20.33
N ILE D 364 -3.15 4.49 -19.05
CA ILE D 364 -3.32 5.75 -18.32
C ILE D 364 -2.71 7.01 -18.98
N TRP D 365 -1.46 6.97 -19.46
CA TRP D 365 -0.93 8.13 -20.14
C TRP D 365 -1.83 8.46 -21.35
N MET D 366 -2.28 7.45 -22.10
CA MET D 366 -2.98 7.67 -23.37
C MET D 366 -4.34 8.25 -23.04
N GLY D 367 -5.04 7.61 -22.11
CA GLY D 367 -6.36 8.13 -21.62
C GLY D 367 -6.25 9.54 -21.06
N GLY D 368 -5.24 9.72 -20.21
CA GLY D 368 -4.93 10.98 -19.56
C GLY D 368 -4.73 12.14 -20.50
N VAL D 369 -3.84 11.97 -21.48
CA VAL D 369 -3.58 13.02 -22.46
C VAL D 369 -4.64 13.23 -23.54
N SER D 370 -5.55 12.27 -23.69
CA SER D 370 -6.65 12.30 -24.64
C SER D 370 -7.81 13.20 -24.21
N GLU D 371 -7.93 13.42 -22.90
CA GLU D 371 -9.01 14.21 -22.32
C GLU D 371 -8.91 15.71 -22.69
N PRO D 372 -10.06 16.37 -22.94
CA PRO D 372 -10.01 17.82 -23.20
C PRO D 372 -9.48 18.64 -22.00
N LEU D 373 -8.69 19.65 -22.26
CA LEU D 373 -7.93 20.36 -21.22
C LEU D 373 -8.85 21.20 -20.41
N LYS D 374 -8.56 21.32 -19.11
CA LYS D 374 -9.36 22.17 -18.24
C LYS D 374 -9.22 23.64 -18.67
N ARG D 375 -10.21 24.44 -18.34
CA ARG D 375 -10.18 25.86 -18.65
C ARG D 375 -8.96 26.40 -17.93
N LYS D 376 -8.11 27.12 -18.67
CA LYS D 376 -6.87 27.73 -18.15
C LYS D 376 -5.85 26.71 -17.59
N GLY D 377 -6.10 25.41 -17.85
CA GLY D 377 -5.18 24.33 -17.45
C GLY D 377 -4.60 23.66 -18.63
N ARG D 378 -3.70 22.71 -18.39
CA ARG D 378 -3.06 22.02 -19.51
C ARG D 378 -3.18 20.50 -19.42
N VAL D 379 -4.11 20.06 -18.56
CA VAL D 379 -4.50 18.66 -18.39
C VAL D 379 -6.02 18.53 -18.24
N GLY D 380 -6.53 17.34 -18.52
CA GLY D 380 -7.96 17.02 -18.38
C GLY D 380 -8.28 16.67 -16.96
N PRO D 381 -9.54 16.36 -16.67
CA PRO D 381 -9.93 16.12 -15.28
C PRO D 381 -9.15 14.99 -14.56
N LEU D 382 -8.94 13.88 -15.24
CA LEU D 382 -8.20 12.73 -14.65
C LEU D 382 -6.75 13.06 -14.20
N LEU D 383 -5.93 13.52 -15.15
CA LEU D 383 -4.58 14.00 -14.89
C LEU D 383 -4.55 15.12 -13.83
N ALA D 384 -5.47 16.08 -13.88
CA ALA D 384 -5.52 17.15 -12.89
C ALA D 384 -5.77 16.56 -11.50
N CYS D 385 -6.61 15.51 -11.41
CA CYS D 385 -6.82 14.86 -10.09
C CYS D 385 -5.51 14.17 -9.62
N ILE D 386 -4.91 13.37 -10.50
CA ILE D 386 -3.68 12.63 -10.15
C ILE D 386 -2.47 13.55 -9.77
N ILE D 387 -2.15 14.50 -10.65
CA ILE D 387 -1.06 15.43 -10.44
C ILE D 387 -1.34 16.27 -9.17
N GLY D 388 -2.53 16.84 -9.09
CA GLY D 388 -2.99 17.62 -7.94
C GLY D 388 -2.80 16.88 -6.59
N THR D 389 -3.28 15.64 -6.54
CA THR D 389 -3.26 14.82 -5.32
C THR D 389 -1.82 14.60 -4.89
N GLN D 390 -0.93 14.38 -5.87
CA GLN D 390 0.49 14.12 -5.61
C GLN D 390 1.12 15.34 -5.04
N PHE D 391 0.83 16.48 -5.65
CA PHE D 391 1.41 17.73 -5.16
C PHE D 391 0.95 18.22 -3.82
N ARG D 392 -0.29 17.96 -3.47
CA ARG D 392 -0.81 18.31 -2.17
C ARG D 392 -0.13 17.42 -1.09
N LYS D 393 0.09 16.17 -1.42
CA LYS D 393 0.80 15.25 -0.55
C LYS D 393 2.22 15.67 -0.29
N LEU D 394 2.92 16.07 -1.36
CA LEU D 394 4.31 16.51 -1.30
C LEU D 394 4.49 17.76 -0.49
N ARG D 395 3.44 18.62 -0.46
CA ARG D 395 3.46 19.86 0.32
C ARG D 395 3.06 19.64 1.80
N ASP D 396 1.89 19.03 2.00
CA ASP D 396 1.32 18.86 3.34
C ASP D 396 2.09 17.81 4.17
N GLY D 397 2.82 16.91 3.50
CA GLY D 397 3.55 15.83 4.15
C GLY D 397 5.04 16.06 4.21
N ASP D 398 5.49 17.29 3.91
CA ASP D 398 6.91 17.62 3.97
C ASP D 398 7.15 18.51 5.20
N ARG D 399 7.85 17.98 6.21
CA ARG D 399 8.20 18.76 7.44
C ARG D 399 9.11 19.98 7.15
N PHE D 400 9.89 19.94 6.06
CA PHE D 400 10.69 21.07 5.63
C PHE D 400 10.01 21.92 4.57
N TRP D 401 8.68 21.87 4.48
CA TRP D 401 7.97 22.81 3.56
C TRP D 401 8.28 24.29 3.99
N TRP D 402 8.53 25.18 3.02
CA TRP D 402 9.01 26.56 3.29
C TRP D 402 8.12 27.44 4.16
N GLU D 403 6.85 27.13 4.15
CA GLU D 403 5.84 27.86 4.94
C GLU D 403 5.64 27.23 6.30
N ASN D 404 6.13 26.00 6.51
CA ASN D 404 5.91 25.28 7.78
C ASN D 404 6.63 26.00 8.90
N GLU D 405 6.00 26.10 10.07
CA GLU D 405 6.58 26.96 11.14
C GLU D 405 7.96 26.45 11.59
N GLY D 406 8.95 27.35 11.64
CA GLY D 406 10.29 27.02 12.14
C GLY D 406 11.31 26.65 11.08
N VAL D 407 10.85 26.53 9.83
CA VAL D 407 11.77 26.14 8.78
C VAL D 407 12.53 27.41 8.43
N PHE D 408 11.78 28.48 8.19
CA PHE D 408 12.34 29.82 8.03
C PHE D 408 11.71 30.75 9.11
N SER D 409 12.36 31.89 9.41
CA SER D 409 11.79 32.93 10.27
C SER D 409 10.68 33.69 9.52
N MET D 410 9.90 34.49 10.24
CA MET D 410 8.84 35.23 9.59
C MET D 410 9.43 36.18 8.56
N GLN D 411 10.59 36.76 8.86
CA GLN D 411 11.22 37.73 7.93
C GLN D 411 11.80 37.01 6.73
N GLN D 412 12.24 35.76 6.91
CA GLN D 412 12.82 34.99 5.81
C GLN D 412 11.72 34.58 4.79
N ARG D 413 10.57 34.17 5.29
CA ARG D 413 9.39 33.83 4.47
C ARG D 413 8.92 35.02 3.65
N GLN D 414 8.98 36.20 4.24
CA GLN D 414 8.58 37.45 3.53
C GLN D 414 9.54 37.77 2.38
N ALA D 415 10.82 37.48 2.57
CA ALA D 415 11.83 37.75 1.54
C ALA D 415 11.73 36.72 0.41
N LEU D 416 11.56 35.45 0.78
CA LEU D 416 11.43 34.35 -0.18
C LEU D 416 10.19 34.48 -1.05
N ALA D 417 9.18 35.18 -0.56
CA ALA D 417 7.94 35.44 -1.28
C ALA D 417 8.13 36.35 -2.49
N GLN D 418 9.25 37.05 -2.50
CA GLN D 418 9.67 37.91 -3.58
C GLN D 418 10.46 37.23 -4.70
N ILE D 419 10.88 35.96 -4.52
CA ILE D 419 11.73 35.33 -5.53
C ILE D 419 10.97 35.02 -6.84
N SER D 420 11.72 34.85 -7.91
CA SER D 420 11.16 34.47 -9.20
C SER D 420 12.21 33.80 -10.10
N LEU D 421 11.78 32.94 -11.02
CA LEU D 421 12.67 32.35 -12.02
C LEU D 421 13.30 33.42 -12.94
N PRO D 422 12.53 34.43 -13.39
CA PRO D 422 13.19 35.52 -14.15
C PRO D 422 14.36 36.12 -13.38
N ARG D 423 14.14 36.47 -12.11
CA ARG D 423 15.19 37.06 -11.25
C ARG D 423 16.38 36.13 -11.01
N ILE D 424 16.14 34.83 -10.91
CA ILE D 424 17.25 33.91 -10.80
C ILE D 424 18.04 33.89 -12.10
N ILE D 425 17.34 33.96 -13.26
CA ILE D 425 18.01 33.98 -14.58
C ILE D 425 18.86 35.25 -14.67
N CYS D 426 18.30 36.38 -14.26
CA CYS D 426 19.04 37.63 -14.22
C CYS D 426 20.31 37.47 -13.41
N ASP D 427 20.17 37.04 -12.17
CA ASP D 427 21.31 36.98 -11.20
C ASP D 427 22.42 35.97 -11.54
N ASN D 428 22.21 35.08 -12.52
CA ASN D 428 23.17 33.98 -12.80
C ASN D 428 23.52 33.76 -14.27
N THR D 429 23.21 34.73 -15.13
CA THR D 429 23.59 34.67 -16.55
C THR D 429 23.94 36.08 -17.05
N GLY D 430 24.27 36.18 -18.34
CA GLY D 430 24.44 37.47 -19.03
C GLY D 430 23.14 37.96 -19.67
N ILE D 431 21.99 37.55 -19.11
CA ILE D 431 20.70 37.93 -19.66
C ILE D 431 20.14 39.12 -18.88
N THR D 432 19.91 40.24 -19.58
CA THR D 432 19.46 41.50 -18.95
C THR D 432 18.00 41.81 -19.24
N THR D 433 17.44 41.11 -20.21
CA THR D 433 16.01 41.19 -20.51
C THR D 433 15.39 39.78 -20.37
N VAL D 434 14.38 39.67 -19.52
CA VAL D 434 13.71 38.39 -19.22
C VAL D 434 12.21 38.58 -19.22
N SER D 435 11.51 37.45 -19.10
CA SER D 435 10.07 37.40 -19.14
C SER D 435 9.42 38.08 -17.94
N LYS D 436 8.36 38.83 -18.22
CA LYS D 436 7.41 39.27 -17.22
C LYS D 436 6.82 38.03 -16.54
N ASN D 437 6.54 38.14 -15.25
CA ASN D 437 5.86 37.04 -14.59
C ASN D 437 4.41 37.08 -15.08
N ASN D 438 3.74 35.96 -15.21
CA ASN D 438 4.26 34.61 -14.95
C ASN D 438 5.12 34.13 -16.14
N ILE D 439 6.38 33.80 -15.86
CA ILE D 439 7.35 33.29 -16.85
C ILE D 439 6.81 32.09 -17.66
N PHE D 440 5.90 31.31 -17.09
CA PHE D 440 5.34 30.13 -17.77
C PHE D 440 4.17 30.43 -18.72
N MET D 441 3.64 31.64 -18.64
CA MET D 441 2.67 32.17 -19.57
C MET D 441 3.32 33.08 -20.62
N SER D 442 4.27 33.91 -20.18
CA SER D 442 4.94 34.86 -21.07
C SER D 442 5.73 34.12 -22.15
N ASN D 443 5.49 34.46 -23.41
CA ASN D 443 6.18 33.78 -24.48
C ASN D 443 6.57 34.66 -25.68
N SER D 444 6.22 35.93 -25.66
CA SER D 444 6.36 36.81 -26.83
C SER D 444 7.22 38.02 -26.52
N TYR D 445 8.35 38.10 -27.21
CA TYR D 445 9.27 39.24 -27.15
C TYR D 445 8.90 40.25 -28.27
N PRO D 446 8.88 41.58 -27.96
CA PRO D 446 9.22 42.23 -26.70
C PRO D 446 8.07 42.33 -25.73
N ARG D 447 6.84 42.18 -26.22
CA ARG D 447 5.56 42.36 -25.49
C ARG D 447 5.49 41.83 -24.05
N ASP D 448 6.08 40.67 -23.79
CA ASP D 448 5.94 40.00 -22.48
C ASP D 448 7.26 40.08 -21.69
N PHE D 449 8.11 41.04 -22.02
CA PHE D 449 9.46 41.06 -21.52
C PHE D 449 9.77 42.38 -20.81
N VAL D 450 10.79 42.35 -19.94
CA VAL D 450 11.14 43.49 -19.09
C VAL D 450 12.63 43.45 -18.76
N ASN D 451 13.17 44.59 -18.30
CA ASN D 451 14.55 44.72 -17.88
C ASN D 451 14.77 44.12 -16.48
N CYS D 452 15.91 43.46 -16.29
CA CYS D 452 16.27 42.83 -15.00
C CYS D 452 16.37 43.85 -13.83
N SER D 453 16.57 45.13 -14.16
CA SER D 453 16.57 46.22 -13.16
C SER D 453 15.19 46.47 -12.49
N THR D 454 14.12 46.09 -13.20
CA THR D 454 12.76 46.29 -12.68
C THR D 454 12.37 45.24 -11.62
N LEU D 455 13.11 44.14 -11.54
CA LEU D 455 12.79 43.01 -10.65
C LEU D 455 13.64 43.12 -9.36
N PRO D 456 13.02 43.05 -8.18
CA PRO D 456 13.79 43.14 -6.95
C PRO D 456 14.61 41.88 -6.65
N ALA D 457 15.82 42.06 -6.14
CA ALA D 457 16.67 40.94 -5.75
C ALA D 457 16.19 40.37 -4.41
N LEU D 458 16.41 39.06 -4.19
CA LEU D 458 16.12 38.46 -2.89
C LEU D 458 16.95 39.20 -1.82
N ASN D 459 16.30 39.54 -0.71
CA ASN D 459 16.99 40.15 0.42
C ASN D 459 17.41 39.08 1.43
N LEU D 460 18.72 38.86 1.51
CA LEU D 460 19.34 37.93 2.46
C LEU D 460 19.62 38.58 3.85
N ALA D 461 19.05 39.76 4.11
CA ALA D 461 19.28 40.48 5.38
C ALA D 461 18.86 39.64 6.60
N SER D 462 17.74 38.94 6.51
CA SER D 462 17.22 38.11 7.60
C SER D 462 18.00 36.83 7.89
N TRP D 463 18.98 36.48 7.06
CA TRP D 463 19.92 35.39 7.38
C TRP D 463 21.18 35.84 8.18
N ARG D 464 21.37 37.15 8.35
CA ARG D 464 22.48 37.67 9.17
C ARG D 464 22.20 37.35 10.61
N GLU D 465 23.17 36.76 11.32
CA GLU D 465 23.03 36.51 12.77
C GLU D 465 23.56 37.72 13.61
N ALA D 466 24.65 38.30 13.11
CA ALA D 466 25.36 39.47 13.73
C ALA D 466 26.01 39.12 15.08
N SER D 467 27.24 38.89 15.15
C1 NAG E . -16.91 0.65 -5.92
C2 NAG E . -17.61 1.95 -5.90
C3 NAG E . -16.61 3.09 -6.18
C4 NAG E . -15.46 3.09 -5.17
C5 NAG E . -14.94 1.67 -4.93
C6 NAG E . -14.12 1.64 -3.63
C7 NAG E . -19.96 1.90 -6.70
C8 NAG E . -20.85 2.50 -7.72
N2 NAG E . -18.68 2.25 -6.82
O3 NAG E . -17.30 4.34 -6.21
O4 NAG E . -14.44 3.88 -5.67
O5 NAG E . -16.01 0.76 -4.80
O6 NAG E . -14.92 2.25 -2.62
O7 NAG E . -20.45 1.11 -5.89
C1 NAG E . -13.92 4.91 -4.78
C2 NAG E . -12.44 5.28 -5.04
C3 NAG E . -12.04 6.47 -4.16
C4 NAG E . -13.05 7.60 -4.41
C5 NAG E . -14.48 7.15 -4.18
C6 NAG E . -15.50 8.24 -4.55
C7 NAG E . -11.09 3.31 -5.57
C8 NAG E . -10.33 2.17 -4.92
N2 NAG E . -11.64 4.18 -4.72
O3 NAG E . -10.71 6.89 -4.41
O4 NAG E . -12.91 8.59 -3.43
O5 NAG E . -14.74 6.01 -4.95
O6 NAG E . -15.34 8.63 -5.91
O7 NAG E . -11.13 3.34 -6.80
C1 BMA E . -12.35 9.81 -4.03
C2 BMA E . -12.70 11.03 -3.14
C3 BMA E . -11.51 11.94 -2.91
C4 BMA E . -10.84 12.24 -4.24
C5 BMA E . -10.32 10.90 -4.78
C6 BMA E . -8.80 10.69 -4.80
O2 BMA E . -13.08 10.71 -1.83
O3 BMA E . -10.63 11.23 -2.06
O4 BMA E . -11.79 12.73 -5.16
O5 BMA E . -10.96 9.75 -4.19
O6 BMA E . -8.08 10.90 -3.60
C1 MAN E . -12.68 13.87 -4.86
C2 MAN E . -12.36 14.78 -3.65
C3 MAN E . -13.61 15.31 -2.93
C4 MAN E . -14.73 15.60 -3.93
C5 MAN E . -15.05 14.39 -4.80
C6 MAN E . -15.46 14.74 -6.25
O2 MAN E . -11.53 15.86 -4.04
O3 MAN E . -13.34 16.49 -2.17
O4 MAN E . -15.90 15.94 -3.21
O5 MAN E . -14.01 13.41 -4.80
O6 MAN E . -16.15 15.97 -6.32
C1 MAN E . -8.06 9.73 -2.74
C2 MAN E . -8.43 10.16 -1.34
C3 MAN E . -7.33 10.92 -0.63
C4 MAN E . -6.04 10.10 -0.68
C5 MAN E . -5.76 9.75 -2.14
C6 MAN E . -4.48 8.97 -2.37
O2 MAN E . -8.86 9.03 -0.62
O3 MAN E . -7.78 11.14 0.68
O4 MAN E . -4.99 10.90 -0.21
O5 MAN E . -6.83 9.02 -2.64
O6 MAN E . -4.54 7.63 -1.94
C1 FUC E . -14.34 2.22 -1.31
C2 FUC E . -15.08 3.29 -0.51
C3 FUC E . -16.53 2.92 -0.27
C4 FUC E . -16.64 1.51 0.26
C5 FUC E . -15.67 0.50 -0.35
C6 FUC E . -15.59 -0.71 0.60
O2 FUC E . -15.00 4.54 -1.18
O3 FUC E . -17.18 3.83 0.59
O4 FUC E . -16.33 1.63 1.61
O5 FUC E . -14.35 0.98 -0.63
C1 NAG F . -3.84 14.96 8.29
C2 NAG F . -5.26 15.41 8.64
C3 NAG F . -6.08 14.15 8.89
C4 NAG F . -6.09 13.25 7.67
C5 NAG F . -4.70 13.06 7.06
C6 NAG F . -4.71 12.53 5.64
C7 NAG F . -5.66 17.52 9.81
C8 NAG F . -5.80 18.29 11.11
N2 NAG F . -5.36 16.22 9.84
O3 NAG F . -7.39 14.41 9.34
O4 NAG F . -6.52 12.01 8.16
O5 NAG F . -3.89 14.22 7.07
O6 NAG F . -5.51 13.38 4.87
O7 NAG F . -5.78 18.11 8.75
C1 NAG F . -7.57 11.39 7.35
C2 NAG F . -7.47 9.86 7.41
C3 NAG F . -8.59 9.19 6.61
C4 NAG F . -9.91 9.74 7.20
C5 NAG F . -9.90 11.27 7.12
C6 NAG F . -11.21 11.91 7.61
C7 NAG F . -5.15 9.09 7.73
C8 NAG F . -3.84 8.81 7.03
N2 NAG F . -6.16 9.50 6.96
O3 NAG F . -8.55 7.76 6.60
O4 NAG F . -10.97 9.37 6.37
O5 NAG F . -8.81 11.78 7.86
O6 NAG F . -11.34 11.60 8.97
O7 NAG F . -5.21 8.97 8.95
C1 BMA F . -11.92 8.48 7.00
C2 BMA F . -13.15 8.78 6.22
C3 BMA F . -14.32 8.19 6.93
C4 BMA F . -14.20 6.67 7.03
C5 BMA F . -12.72 6.24 7.46
C6 BMA F . -12.19 4.81 7.25
O2 BMA F . -13.09 8.18 4.94
O3 BMA F . -15.42 8.59 6.11
O4 BMA F . -15.29 6.25 7.87
O5 BMA F . -11.64 7.06 6.94
O6 BMA F . -12.24 4.29 5.93
C1 MAN F . -16.56 7.09 8.05
C2 MAN F . -17.64 6.84 6.96
C3 MAN F . -18.15 8.12 6.23
C4 MAN F . -18.46 9.30 7.16
C5 MAN F . -17.47 9.44 8.33
C6 MAN F . -18.27 9.61 9.64
O2 MAN F . -18.77 6.12 7.47
O3 MAN F . -19.27 7.86 5.39
O4 MAN F . -18.41 10.49 6.39
O5 MAN F . -16.37 8.49 8.33
O6 MAN F . -17.56 9.33 10.83
C1 MAN F . -11.12 4.73 5.11
C2 MAN F . -11.65 5.22 3.75
C3 MAN F . -12.35 4.04 3.09
C4 MAN F . -11.34 2.91 2.88
C5 MAN F . -10.62 2.56 4.19
C6 MAN F . -9.46 1.58 4.02
O2 MAN F . -10.65 5.79 2.90
O3 MAN F . -13.00 4.50 1.92
O4 MAN F . -12.11 1.79 2.48
O5 MAN F . -10.14 3.72 4.84
O6 MAN F . -8.40 2.24 3.33
C1 FUC F . -5.76 12.89 3.52
C2 FUC F . -7.15 13.31 3.03
C3 FUC F . -7.18 14.82 2.98
C4 FUC F . -6.08 15.25 2.02
C5 FUC F . -4.69 14.62 2.31
C6 FUC F . -3.75 14.82 1.13
O2 FUC F . -8.19 12.81 3.87
O3 FUC F . -8.44 15.21 2.46
O4 FUC F . -6.49 14.87 0.72
O5 FUC F . -4.79 13.23 2.55
CHA HEM G . -3.71 -14.50 17.59
CHB HEM G . -4.54 -17.65 21.09
CHC HEM G . -9.33 -16.66 20.83
CHD HEM G . -8.47 -13.47 17.24
C1A HEM G . -3.47 -15.37 18.73
C2A HEM G . -2.23 -15.79 19.11
C3A HEM G . -2.46 -16.73 20.08
C4A HEM G . -3.84 -16.77 20.21
CMA HEM G . -1.46 -17.52 20.91
CAA HEM G . -0.89 -15.31 18.56
CBA HEM G . -0.08 -14.55 19.59
CGA HEM G . 1.16 -13.99 18.92
O1A HEM G . 2.30 -14.54 18.96
O2A HEM G . 0.99 -12.96 18.33
C1B HEM G . -5.95 -17.74 21.25
C2B HEM G . -6.56 -18.72 22.15
C3B HEM G . -7.91 -18.38 22.05
C4B HEM G . -8.05 -17.29 21.12
CMB HEM G . -5.80 -19.73 23.00
CAB HEM G . -9.12 -18.90 22.68
CBB HEM G . -9.26 -20.34 22.69
C1C HEM G . -9.55 -15.60 19.86
C2C HEM G . -10.85 -14.97 19.63
C3C HEM G . -10.57 -14.06 18.60
C4C HEM G . -9.16 -14.18 18.31
CMC HEM G . -12.11 -15.30 20.35
CAC HEM G . -11.45 -13.10 17.91
CBC HEM G . -12.70 -12.68 18.47
C1D HEM G . -7.09 -13.64 16.87
C2D HEM G . -6.46 -13.14 15.61
C3D HEM G . -5.12 -13.44 15.72
C4D HEM G . -5.00 -14.15 17.02
CMD HEM G . -7.06 -12.37 14.44
CAD HEM G . -4.07 -13.15 14.69
CBD HEM G . -4.13 -14.34 13.70
CGD HEM G . -3.06 -14.30 12.61
O1D HEM G . -2.13 -15.09 12.67
O2D HEM G . -3.03 -13.51 11.65
NA HEM G . -4.46 -15.83 19.50
NB HEM G . -6.87 -17.00 20.61
NC HEM G . -8.56 -14.98 19.21
ND HEM G . -6.18 -14.25 17.63
FE HEM G . -6.49 -15.37 19.39
N1 NIH H . -1.59 -18.11 16.48
C2 NIH H . -0.89 -18.91 17.36
N3 NIH H . -1.54 -19.64 18.25
C4 NIH H . -2.85 -19.63 18.33
C5 NIH H . -3.59 -18.86 17.47
C6 NIH H . -2.94 -18.06 16.51
C7 NIH H . -5.05 -18.81 17.50
N8 NIH H . -5.57 -17.62 17.12
O9 NIH H . -5.71 -19.81 17.79
O10 NIH H . -3.59 -17.35 15.74
O11 NIH H . -6.92 -17.29 17.02
N12 NIH H . 0.50 -18.94 17.30
C13 NIH H . 1.36 -19.77 18.16
C14 NIH H . 1.24 -21.26 17.91
C15 NIH H . 0.47 -21.76 16.88
C16 NIH H . 0.32 -23.13 16.65
C17 NIH H . 1.03 -24.02 17.44
C18 NIH H . 1.81 -23.53 18.48
C19 NIH H . 1.91 -22.17 18.72
C20 NIH H . 2.57 -24.49 19.37
F21 NIH H . 1.89 -25.69 19.45
F22 NIH H . 3.81 -24.83 18.87
F23 NIH H . 2.73 -23.95 20.63
C24 NIH H . -0.55 -23.64 15.51
F25 NIH H . -0.66 -22.75 14.45
F26 NIH H . 0.07 -24.77 14.98
F27 NIH H . -1.84 -23.95 15.93
CHA HEM I . 10.07 9.46 -18.56
CHB HEM I . 12.32 11.52 -22.25
CHC HEM I . 10.22 15.79 -21.12
CHD HEM I . 7.97 13.71 -17.33
C1A HEM I . 10.83 9.62 -19.74
C2A HEM I . 11.50 8.59 -20.33
C3A HEM I . 12.16 9.18 -21.37
C4A HEM I . 11.82 10.51 -21.31
CMA HEM I . 13.07 8.49 -22.37
CAA HEM I . 11.52 7.14 -19.94
CBA HEM I . 10.70 6.36 -20.95
CGA HEM I . 10.46 4.94 -20.46
O1A HEM I . 11.34 4.09 -20.76
O2A HEM I . 9.44 4.62 -19.78
C1B HEM I . 11.99 12.96 -22.21
C2B HEM I . 12.60 13.94 -23.15
C3B HEM I . 11.94 15.11 -22.78
C4B HEM I . 11.04 14.78 -21.70
CMB HEM I . 13.60 13.71 -24.29
CAB HEM I . 12.03 16.47 -23.30
CBB HEM I . 13.28 16.97 -23.87
C1C HEM I . 9.32 15.60 -19.98
C2C HEM I . 8.43 16.68 -19.51
C3C HEM I . 7.81 16.08 -18.43
C4C HEM I . 8.30 14.70 -18.34
CMC HEM I . 8.38 18.08 -20.03
CAC HEM I . 6.84 16.62 -17.42
CBC HEM I . 5.98 17.81 -17.55
C1D HEM I . 8.51 12.34 -17.22
C2D HEM I . 8.35 11.43 -16.04
C3D HEM I . 9.00 10.25 -16.39
C4D HEM I . 9.47 10.50 -17.77
CMD HEM I . 7.71 11.66 -14.70
CAD HEM I . 9.24 9.02 -15.58
CBD HEM I . 10.49 9.29 -14.74
CGD HEM I . 10.98 8.13 -13.87
O1D HEM I . 12.05 7.52 -14.17
O2D HEM I . 10.31 7.83 -12.82
NA HEM I . 10.83 10.74 -20.42
NB HEM I . 11.18 13.53 -21.32
NC HEM I . 9.11 14.42 -19.37
ND HEM I . 9.26 11.76 -18.13
FE HEM I . 9.93 12.59 -19.92
N1 NIH J . 14.29 8.37 -18.24
C2 NIH J . 15.19 8.05 -19.19
N3 NIH J . 15.66 8.93 -20.04
C4 NIH J . 15.26 10.19 -20.00
C5 NIH J . 14.34 10.59 -19.03
C6 NIH J . 13.85 9.63 -18.11
C7 NIH J . 13.92 11.97 -18.92
N8 NIH J . 12.80 12.26 -18.23
O9 NIH J . 14.62 12.86 -19.39
O10 NIH J . 13.04 9.94 -17.24
O11 NIH J . 12.40 13.59 -18.09
N12 NIH J . 15.64 6.76 -19.25
C13 NIH J . 16.33 6.28 -20.45
C14 NIH J . 17.77 6.70 -20.41
C15 NIH J . 18.31 7.34 -19.30
C16 NIH J . 19.65 7.72 -19.30
C17 NIH J . 20.46 7.45 -20.38
C18 NIH J . 19.91 6.80 -21.47
C19 NIH J . 18.58 6.44 -21.49
C20 NIH J . 20.70 6.48 -22.72
F21 NIH J . 22.00 6.97 -22.61
F22 NIH J . 20.71 5.10 -22.89
F23 NIH J . 20.09 7.11 -23.81
C24 NIH J . 20.17 8.43 -18.06
F25 NIH J . 19.34 8.17 -16.96
F26 NIH J . 21.46 8.07 -17.72
F27 NIH J . 20.15 9.76 -18.36
S SO4 K . 9.07 16.47 -40.48
O1 SO4 K . 9.94 17.02 -39.42
O2 SO4 K . 8.37 15.29 -39.92
O3 SO4 K . 8.07 17.48 -40.90
O4 SO4 K . 9.89 16.14 -41.67
C1 GOL L . -25.07 5.05 20.68
O1 GOL L . -25.95 4.27 19.85
C2 GOL L . -23.68 4.41 20.71
O2 GOL L . -22.83 4.97 19.72
C3 GOL L . -23.01 4.66 22.04
O3 GOL L . -22.33 3.47 22.39
CA CA M . -10.84 -17.51 3.88
CL CL N . -2.46 -1.77 8.32
S SO4 O . 7.28 -42.88 25.10
O1 SO4 O . 7.15 -41.67 25.93
O2 SO4 O . 6.95 -42.62 23.69
O3 SO4 O . 8.63 -43.44 25.16
O4 SO4 O . 6.30 -43.85 25.69
C ACT P . -33.55 -12.92 -3.39
O ACT P . -32.62 -13.19 -2.59
OXT ACT P . -33.31 -12.61 -4.59
CH3 ACT P . -34.98 -12.96 -2.93
C ACT Q . -31.34 -0.28 17.69
O ACT Q . -30.78 0.81 17.43
OXT ACT Q . -31.25 -0.80 18.84
CH3 ACT Q . -32.12 -0.97 16.61
C1 NAG R . -14.45 -42.32 2.64
C2 NAG R . -13.98 -42.56 4.07
C3 NAG R . -14.43 -43.92 4.59
C4 NAG R . -15.93 -43.95 4.55
C5 NAG R . -16.35 -43.73 3.10
C6 NAG R . -17.86 -43.82 2.89
C7 NAG R . -11.94 -41.47 4.63
C8 NAG R . -10.46 -41.42 4.52
N2 NAG R . -12.55 -42.48 4.03
O3 NAG R . -13.93 -44.18 5.91
O4 NAG R . -16.30 -45.22 5.05
O5 NAG R . -15.85 -42.50 2.62
O6 NAG R . -18.52 -42.65 3.35
O7 NAG R . -12.58 -40.65 5.29
C1 NAG S . -4.29 -38.71 30.27
C2 NAG S . -5.07 -38.34 31.53
C3 NAG S . -5.53 -39.64 32.21
C4 NAG S . -6.46 -40.43 31.31
C5 NAG S . -5.61 -40.81 30.12
C6 NAG S . -6.45 -41.62 29.12
C7 NAG S . -4.79 -36.41 33.06
C8 NAG S . -3.88 -35.73 34.02
N2 NAG S . -4.30 -37.53 32.46
O3 NAG S . -6.19 -39.36 33.40
O4 NAG S . -7.13 -41.60 31.85
O5 NAG S . -5.12 -39.59 29.50
O6 NAG S . -5.70 -41.75 27.94
O7 NAG S . -5.93 -35.93 32.87
C1 GOL T . -14.59 25.21 -15.77
O1 GOL T . -14.50 26.19 -14.70
C2 GOL T . -13.53 24.10 -15.65
O2 GOL T . -13.61 23.41 -14.41
C3 GOL T . -13.75 23.11 -16.78
O3 GOL T . -12.74 23.34 -17.77
CA CA U . 13.38 15.39 -4.41
CL CL V . -0.35 3.72 -8.11
C ACT W . 12.89 -9.02 -13.72
O ACT W . 12.79 -8.24 -14.75
OXT ACT W . 12.14 -10.00 -13.53
CH3 ACT W . 13.90 -8.78 -12.63
C ACT X . 2.55 34.32 8.77
O ACT X . 3.69 34.72 8.39
OXT ACT X . 1.57 34.26 7.98
CH3 ACT X . 2.33 33.87 10.17
C ACT Y . -10.57 32.04 -12.76
O ACT Y . -11.47 31.86 -11.90
OXT ACT Y . -10.83 31.93 -13.96
CH3 ACT Y . -9.17 32.37 -12.34
C1 NAG Z . 36.41 25.38 -5.48
C2 NAG Z . 36.63 25.05 -6.97
C3 NAG Z . 37.75 25.89 -7.58
C4 NAG Z . 37.54 27.37 -7.23
C5 NAG Z . 37.41 27.57 -5.70
C6 NAG Z . 37.02 28.98 -5.27
C7 NAG Z . 35.94 22.86 -7.67
C8 NAG Z . 36.26 21.41 -7.89
N2 NAG Z . 36.88 23.65 -7.20
O3 NAG Z . 37.75 25.61 -8.97
O4 NAG Z . 38.55 28.16 -7.81
O5 NAG Z . 36.35 26.78 -5.18
O6 NAG Z . 35.93 29.45 -6.05
O7 NAG Z . 34.81 23.29 -7.88
C1 NAG AA . 30.72 18.41 -33.58
C2 NAG AA . 29.89 19.07 -34.66
C3 NAG AA . 30.68 20.02 -35.52
C4 NAG AA . 31.42 21.04 -34.64
C5 NAG AA . 32.27 20.21 -33.67
C6 NAG AA . 33.16 21.04 -32.76
C7 NAG AA . 27.97 18.37 -36.02
C8 NAG AA . 27.34 17.28 -36.84
N2 NAG AA . 29.17 18.09 -35.46
O3 NAG AA . 29.71 20.68 -36.26
O4 NAG AA . 32.14 22.03 -35.40
O5 NAG AA . 31.40 19.43 -32.87
O6 NAG AA . 33.94 20.09 -32.06
O7 NAG AA . 27.42 19.47 -35.91
#